data_7BFZ
#
_entry.id   7BFZ
#
_cell.length_a   101.540
_cell.length_b   130.103
_cell.length_c   158.910
_cell.angle_alpha   90.000
_cell.angle_beta   90.000
_cell.angle_gamma   90.000
#
_symmetry.space_group_name_H-M   'I 2 2 2'
#
loop_
_entity.id
_entity.type
_entity.pdbx_description
1 polymer 'Glutamate carboxypeptidase 2'
2 branched beta-D-mannopyranose-(1-4)-2-acetamido-2-deoxy-beta-D-glucopyranose-(1-4)-2-acetamido-2-deoxy-beta-D-glucopyranose
3 branched alpha-D-mannopyranose-(1-3)-[alpha-D-mannopyranose-(1-6)]beta-D-mannopyranose-(1-4)-2-acetamido-2-deoxy-beta-D-glucopyranose-(1-4)-2-acetamido-2-deoxy-beta-D-glucopyranose
4 branched 2-acetamido-2-deoxy-beta-D-glucopyranose-(1-4)-2-acetamido-2-deoxy-beta-D-glucopyranose
5 branched beta-D-mannopyranose-(1-4)-2-acetamido-2-deoxy-beta-D-glucopyranose-(1-4)-[alpha-L-fucopyranose-(1-6)]2-acetamido-2-deoxy-beta-D-glucopyranose
6 non-polymer 'ZINC ION'
7 non-polymer 'CALCIUM ION'
8 non-polymer 'CHLORIDE ION'
9 non-polymer 2-acetamido-2-deoxy-beta-D-glucopyranose
10 non-polymer 1,2-ETHANEDIOL
11 non-polymer DI(HYDROXYETHYL)ETHER
12 non-polymer 'SODIUM ION'
13 non-polymer '(((S)-1-carboxy-5-((E)-2-cyano-3-(5-(1-(3-methoxy-3-oxopropyl)-1,2,3,4-tetrahydroquinolin-6-yl)thiophen-2-yl)acrylamido)pentyl)carbamoyl)-L-glutamic acid'
14 water water
#
_entity_poly.entity_id   1
_entity_poly.type   'polypeptide(L)'
_entity_poly.pdbx_seq_one_letter_code
;KSSNEATNITPKHNMKAFLDELKAENIKKFLYNFTQIPHLAGTEQNFQLAKQIQSQWKEFGLDSVELAHYDVLLSYPNKT
HPNYISIINEDGNEIFNTSLFEPPPPGYENVSDIVPPFSAFSPQGMPEGDLVYVNYARTEDFFKLERDMKINCSGKIVIA
RYGKVFRGNKVKNAQLAGAKGVILYSDPADYFAPGVKSYPDGWNLPGGGVQRGNILNLNGAGDPLTPGYPANEYAYRRGI
AEAVGLPSIPVHPIGYYDAQKLLEKMGGSAPPDSSWRGSLKVPYNVGPGFTGNFSTQKVKMHIHSTNEVTRIYNVIGTLR
GAVEPDRYVILGGHRDSWVFGGIDPQSGAAVVHEIVRSFGTLKKEGWRPRRTILFASWDAEEFGLLGSTEWAEENSRLLQ
ERGVAYINADSSIEGNYTLRVDCTPLMYSLVHNLTKELKSPDEGFEGKSLYESWTKKSPSPEFSGMPRISKLGSGNDFEV
FFQRLGIASGRARYTKNWETNKFSGYPLYHSVYETYELVEKFYDPMFKYHLTVAQVRGGMVFELANSIVLPFDCRDYAVV
LRKYADKIYSISMKHPQEMKTYSVSFDSLFSAVKNFTEIASKFSERLQDFDKSNPIVLRMMNDQLMFLERAFIDPLGLPD
RPFYRHVIYAPSSHNKYAGESFPGIYDALFDIESKVDPSKAWGEVKRQIYVAAFTVQAAAETLSEVA
;
_entity_poly.pdbx_strand_id   A
#
# COMPACT_ATOMS: atom_id res chain seq x y z
N LYS A 12 -36.10 -8.79 -8.71
CA LYS A 12 -35.74 -7.58 -7.92
C LYS A 12 -34.28 -7.13 -8.16
N HIS A 13 -34.04 -5.82 -8.12
CA HIS A 13 -32.68 -5.24 -8.23
C HIS A 13 -32.20 -4.89 -6.85
N ASN A 14 -31.44 -5.80 -6.27
CA ASN A 14 -30.95 -5.68 -4.90
C ASN A 14 -29.54 -6.20 -4.90
N MET A 15 -28.94 -6.33 -3.72
CA MET A 15 -27.55 -6.72 -3.74
C MET A 15 -27.39 -8.12 -4.32
N LYS A 16 -28.35 -9.01 -4.01
CA LYS A 16 -28.25 -10.39 -4.51
C LYS A 16 -28.23 -10.43 -6.04
N ALA A 17 -29.06 -9.60 -6.68
CA ALA A 17 -29.01 -9.52 -8.17
C ALA A 17 -27.61 -9.12 -8.63
N PHE A 18 -27.07 -8.06 -8.02
CA PHE A 18 -25.71 -7.63 -8.38
C PHE A 18 -24.66 -8.77 -8.21
N LEU A 19 -24.66 -9.40 -7.04
CA LEU A 19 -23.70 -10.42 -6.72
C LEU A 19 -23.82 -11.67 -7.61
N ASP A 20 -25.06 -12.07 -7.93
CA ASP A 20 -25.25 -13.28 -8.75
C ASP A 20 -24.78 -13.10 -10.19
N GLU A 21 -24.81 -11.87 -10.68
CA GLU A 21 -24.36 -11.56 -12.03
C GLU A 21 -22.84 -11.69 -12.22
N LEU A 22 -22.08 -11.50 -11.14
CA LEU A 22 -20.59 -11.72 -11.19
C LEU A 22 -20.23 -13.19 -11.53
N LYS A 23 -19.29 -13.38 -12.47
N LYS A 23 -19.32 -13.40 -12.48
CA LYS A 23 -18.89 -14.72 -12.90
CA LYS A 23 -18.92 -14.75 -12.88
C LYS A 23 -17.37 -14.94 -12.84
C LYS A 23 -17.40 -14.94 -12.86
N ALA A 24 -16.96 -16.02 -12.20
CA ALA A 24 -15.56 -16.45 -12.14
C ALA A 24 -14.98 -16.54 -13.54
N GLU A 25 -15.76 -17.08 -14.48
CA GLU A 25 -15.28 -17.28 -15.86
C GLU A 25 -14.96 -15.96 -16.55
N ASN A 26 -15.75 -14.93 -16.26
CA ASN A 26 -15.48 -13.59 -16.82
C ASN A 26 -14.18 -13.00 -16.29
N ILE A 27 -13.98 -13.14 -14.98
CA ILE A 27 -12.76 -12.62 -14.32
C ILE A 27 -11.54 -13.30 -14.97
N LYS A 28 -11.66 -14.61 -15.19
CA LYS A 28 -10.57 -15.40 -15.79
C LYS A 28 -10.26 -14.85 -17.18
N LYS A 29 -11.30 -14.72 -18.03
CA LYS A 29 -11.14 -14.14 -19.38
C LYS A 29 -10.51 -12.73 -19.38
N PHE A 30 -10.94 -11.88 -18.46
CA PHE A 30 -10.36 -10.52 -18.37
C PHE A 30 -8.88 -10.57 -17.95
N LEU A 31 -8.57 -11.44 -16.99
CA LEU A 31 -7.20 -11.55 -16.50
C LEU A 31 -6.30 -11.99 -17.63
N TYR A 32 -6.73 -13.05 -18.34
CA TYR A 32 -6.00 -13.46 -19.54
C TYR A 32 -5.80 -12.27 -20.53
N ASN A 33 -6.86 -11.51 -20.78
CA ASN A 33 -6.80 -10.41 -21.72
C ASN A 33 -5.81 -9.30 -21.31
N PHE A 34 -5.67 -9.11 -19.98
CA PHE A 34 -4.90 -7.98 -19.46
C PHE A 34 -3.43 -8.30 -19.24
N THR A 35 -2.99 -9.54 -19.53
CA THR A 35 -1.69 -9.99 -19.07
C THR A 35 -0.83 -10.63 -20.17
N GLN A 36 -1.20 -10.43 -21.42
CA GLN A 36 -0.43 -11.06 -22.54
C GLN A 36 0.82 -10.27 -22.91
N ILE A 37 0.79 -8.95 -22.65
CA ILE A 37 1.95 -8.07 -22.95
C ILE A 37 2.22 -7.16 -21.74
N PRO A 38 3.45 -6.59 -21.63
CA PRO A 38 3.64 -5.68 -20.48
C PRO A 38 2.82 -4.41 -20.62
N HIS A 39 2.45 -3.84 -19.46
CA HIS A 39 1.74 -2.57 -19.45
C HIS A 39 2.40 -1.56 -18.51
N LEU A 40 3.67 -1.30 -18.77
CA LEU A 40 4.47 -0.34 -17.97
C LEU A 40 3.92 1.07 -18.09
N ALA A 41 3.84 1.79 -16.95
CA ALA A 41 3.33 3.15 -16.98
C ALA A 41 4.15 3.98 -17.95
N GLY A 42 3.42 4.81 -18.69
CA GLY A 42 4.01 5.73 -19.66
C GLY A 42 4.35 5.13 -21.00
N THR A 43 4.06 3.85 -21.19
CA THR A 43 4.34 3.19 -22.47
C THR A 43 3.10 3.17 -23.35
N GLU A 44 3.31 3.03 -24.68
CA GLU A 44 2.20 2.99 -25.60
C GLU A 44 1.23 1.85 -25.29
N GLN A 45 1.75 0.67 -24.88
N GLN A 45 1.80 0.70 -24.89
CA GLN A 45 0.86 -0.46 -24.63
CA GLN A 45 1.08 -0.53 -24.52
C GLN A 45 -0.12 -0.17 -23.46
C GLN A 45 0.05 -0.32 -23.39
N ASN A 46 0.36 0.61 -22.47
CA ASN A 46 -0.53 0.92 -21.36
C ASN A 46 -1.57 2.00 -21.72
N PHE A 47 -1.26 2.88 -22.67
CA PHE A 47 -2.24 3.82 -23.21
C PHE A 47 -3.25 3.03 -24.04
N GLN A 48 -2.76 2.07 -24.84
CA GLN A 48 -3.72 1.20 -25.58
C GLN A 48 -4.69 0.44 -24.66
N LEU A 49 -4.18 -0.09 -23.56
CA LEU A 49 -5.10 -0.80 -22.64
C LEU A 49 -6.10 0.19 -22.00
N ALA A 50 -5.61 1.38 -21.62
CA ALA A 50 -6.50 2.43 -21.10
C ALA A 50 -7.67 2.69 -22.06
N LYS A 51 -7.35 2.84 -23.34
CA LYS A 51 -8.39 3.06 -24.37
C LYS A 51 -9.36 1.89 -24.48
N GLN A 52 -8.82 0.66 -24.41
CA GLN A 52 -9.68 -0.56 -24.40
C GLN A 52 -10.65 -0.56 -23.18
N ILE A 53 -10.12 -0.25 -22.00
CA ILE A 53 -10.96 -0.25 -20.79
C ILE A 53 -12.03 0.84 -20.91
N GLN A 54 -11.63 2.01 -21.39
CA GLN A 54 -12.60 3.11 -21.57
C GLN A 54 -13.76 2.65 -22.51
N SER A 55 -13.38 2.06 -23.63
CA SER A 55 -14.40 1.58 -24.60
C SER A 55 -15.31 0.50 -23.98
N GLN A 56 -14.72 -0.45 -23.24
CA GLN A 56 -15.52 -1.52 -22.64
C GLN A 56 -16.41 -1.04 -21.51
N TRP A 57 -15.91 -0.18 -20.64
CA TRP A 57 -16.78 0.41 -19.63
C TRP A 57 -17.97 1.18 -20.24
N LYS A 58 -17.75 1.84 -21.37
CA LYS A 58 -18.89 2.49 -22.09
C LYS A 58 -19.90 1.41 -22.55
N GLU A 59 -19.38 0.40 -23.26
N GLU A 59 -19.43 0.38 -23.25
CA GLU A 59 -20.17 -0.79 -23.71
CA GLU A 59 -20.33 -0.71 -23.70
C GLU A 59 -20.97 -1.39 -22.53
C GLU A 59 -20.98 -1.49 -22.54
N PHE A 60 -20.28 -1.54 -21.40
CA PHE A 60 -20.88 -2.16 -20.18
C PHE A 60 -22.07 -1.35 -19.63
N GLY A 61 -22.15 -0.06 -19.98
CA GLY A 61 -23.31 0.75 -19.68
C GLY A 61 -23.08 1.96 -18.77
N LEU A 62 -21.84 2.27 -18.39
CA LEU A 62 -21.62 3.49 -17.53
C LEU A 62 -22.09 4.75 -18.23
N ASP A 63 -22.51 5.76 -17.47
CA ASP A 63 -22.99 7.01 -18.05
C ASP A 63 -21.93 7.83 -18.77
N SER A 64 -20.70 7.88 -18.23
CA SER A 64 -19.59 8.57 -18.92
C SER A 64 -18.32 7.83 -18.54
N VAL A 65 -17.37 7.82 -19.46
CA VAL A 65 -16.09 7.19 -19.20
C VAL A 65 -15.05 8.09 -19.90
N GLU A 66 -14.18 8.73 -19.12
CA GLU A 66 -13.18 9.65 -19.69
CA GLU A 66 -13.18 9.70 -19.62
C GLU A 66 -11.76 9.24 -19.29
N LEU A 67 -10.77 9.68 -20.07
CA LEU A 67 -9.38 9.53 -19.65
C LEU A 67 -9.00 10.85 -18.97
N ALA A 68 -8.26 10.78 -17.87
CA ALA A 68 -7.71 11.97 -17.22
C ALA A 68 -6.23 11.74 -17.29
N HIS A 69 -5.51 12.63 -17.98
CA HIS A 69 -4.08 12.41 -18.20
C HIS A 69 -3.29 13.48 -17.46
N TYR A 70 -2.05 13.17 -17.12
CA TYR A 70 -1.13 14.05 -16.37
C TYR A 70 0.24 13.76 -16.93
N ASP A 71 1.14 14.74 -16.78
CA ASP A 71 2.54 14.56 -17.18
C ASP A 71 3.39 14.58 -15.94
N VAL A 72 3.91 13.37 -15.59
CA VAL A 72 4.56 13.15 -14.29
C VAL A 72 5.98 12.64 -14.47
N LEU A 73 6.78 12.75 -13.40
CA LEU A 73 8.17 12.22 -13.47
C LEU A 73 8.12 10.71 -13.34
N LEU A 74 8.63 9.99 -14.35
CA LEU A 74 8.80 8.50 -14.34
C LEU A 74 10.29 8.23 -14.52
N SER A 75 10.67 6.96 -14.52
CA SER A 75 12.09 6.56 -14.49
C SER A 75 12.21 5.25 -15.30
N TYR A 76 13.21 5.19 -16.18
CA TYR A 76 13.39 4.03 -17.01
C TYR A 76 14.87 3.71 -17.19
N PRO A 77 15.18 2.42 -17.31
CA PRO A 77 16.58 2.12 -17.68
C PRO A 77 16.90 2.63 -19.07
N ASN A 78 18.20 2.83 -19.31
CA ASN A 78 18.68 3.18 -20.66
C ASN A 78 18.87 1.89 -21.46
N LYS A 79 18.04 1.72 -22.49
CA LYS A 79 18.07 0.52 -23.37
C LYS A 79 19.43 0.17 -23.98
N THR A 80 20.25 1.18 -24.23
CA THR A 80 21.59 0.93 -24.83
C THR A 80 22.78 1.07 -23.87
N HIS A 81 22.51 1.21 -22.57
CA HIS A 81 23.55 1.36 -21.59
C HIS A 81 23.01 0.69 -20.30
N PRO A 82 23.04 -0.67 -20.25
CA PRO A 82 22.34 -1.46 -19.20
C PRO A 82 22.91 -1.28 -17.81
N ASN A 83 22.04 -1.39 -16.81
CA ASN A 83 22.43 -1.35 -15.42
C ASN A 83 23.00 -2.73 -15.00
N TYR A 84 24.06 -2.72 -14.21
CA TYR A 84 24.59 -3.96 -13.63
C TYR A 84 25.58 -3.62 -12.54
N ILE A 85 25.95 -4.65 -11.78
CA ILE A 85 26.88 -4.51 -10.67
C ILE A 85 28.05 -5.50 -10.96
N SER A 86 29.24 -5.11 -10.57
CA SER A 86 30.45 -5.95 -10.72
CA SER A 86 30.40 -5.99 -10.71
C SER A 86 31.22 -6.13 -9.44
N ILE A 87 31.96 -7.26 -9.36
CA ILE A 87 33.10 -7.35 -8.45
C ILE A 87 34.28 -7.02 -9.40
N ILE A 88 35.06 -6.04 -8.99
N ILE A 88 35.14 -6.11 -8.94
CA ILE A 88 36.24 -5.58 -9.72
CA ILE A 88 36.23 -5.54 -9.75
C ILE A 88 37.47 -6.02 -8.92
C ILE A 88 37.58 -5.67 -9.01
N ASN A 89 38.55 -6.35 -9.63
CA ASN A 89 39.87 -6.58 -8.97
C ASN A 89 40.71 -5.30 -8.93
N GLU A 90 41.86 -5.36 -8.26
CA GLU A 90 42.74 -4.19 -8.08
C GLU A 90 43.25 -3.55 -9.39
N ASP A 91 43.24 -4.31 -10.49
CA ASP A 91 43.53 -3.77 -11.83
C ASP A 91 42.33 -3.05 -12.46
N GLY A 92 41.15 -3.23 -11.88
CA GLY A 92 39.94 -2.71 -12.47
C GLY A 92 39.29 -3.62 -13.51
N ASN A 93 39.64 -4.91 -13.51
CA ASN A 93 38.95 -5.89 -14.36
C ASN A 93 37.68 -6.33 -13.63
N GLU A 94 36.58 -6.37 -14.37
CA GLU A 94 35.29 -6.78 -13.82
C GLU A 94 35.20 -8.29 -13.89
N ILE A 95 35.42 -8.95 -12.74
CA ILE A 95 35.52 -10.43 -12.69
C ILE A 95 34.22 -11.17 -12.48
N PHE A 96 33.15 -10.42 -12.16
CA PHE A 96 31.83 -10.98 -11.99
C PHE A 96 30.86 -9.88 -12.33
N ASN A 97 29.84 -10.19 -13.12
CA ASN A 97 28.80 -9.23 -13.47
C ASN A 97 27.46 -9.79 -13.13
N THR A 98 26.57 -8.97 -12.53
CA THR A 98 25.21 -9.43 -12.31
C THR A 98 24.45 -9.46 -13.64
N SER A 99 23.31 -10.17 -13.65
CA SER A 99 22.56 -10.37 -14.88
C SER A 99 21.99 -9.10 -15.49
N LEU A 100 21.80 -9.10 -16.81
CA LEU A 100 21.19 -7.95 -17.50
C LEU A 100 19.65 -8.08 -17.61
N PHE A 101 19.08 -9.26 -17.29
CA PHE A 101 17.65 -9.50 -17.47
C PHE A 101 17.29 -10.79 -16.76
N GLU A 102 16.01 -10.96 -16.39
CA GLU A 102 15.56 -12.22 -15.81
C GLU A 102 15.33 -13.17 -16.97
N PRO A 103 15.75 -14.45 -16.81
CA PRO A 103 15.42 -15.40 -17.88
C PRO A 103 13.89 -15.45 -18.14
N PRO A 104 13.45 -15.17 -19.37
CA PRO A 104 11.99 -15.06 -19.49
C PRO A 104 11.28 -16.40 -19.33
N PRO A 105 10.04 -16.37 -18.82
CA PRO A 105 9.34 -17.64 -18.61
C PRO A 105 8.94 -18.40 -19.91
N PRO A 106 8.61 -19.71 -19.78
CA PRO A 106 8.27 -20.51 -20.98
C PRO A 106 7.23 -19.87 -21.91
N GLY A 107 7.57 -19.70 -23.18
CA GLY A 107 6.58 -19.17 -24.09
C GLY A 107 6.52 -17.64 -24.21
N TYR A 108 7.28 -16.95 -23.35
CA TYR A 108 7.42 -15.47 -23.36
C TYR A 108 8.84 -15.04 -23.72
N GLU A 109 9.66 -15.98 -24.20
CA GLU A 109 11.06 -15.68 -24.46
C GLU A 109 11.26 -14.72 -25.67
N ASN A 110 10.19 -14.51 -26.44
CA ASN A 110 10.17 -13.58 -27.60
C ASN A 110 9.30 -12.31 -27.39
N VAL A 111 8.67 -12.21 -26.22
CA VAL A 111 7.93 -10.99 -25.89
C VAL A 111 8.95 -9.81 -25.77
N SER A 112 8.72 -8.73 -26.50
CA SER A 112 9.59 -7.58 -26.34
C SER A 112 9.05 -6.56 -25.30
N ASP A 113 9.93 -5.62 -24.96
CA ASP A 113 9.59 -4.52 -24.08
C ASP A 113 9.36 -5.02 -22.65
N ILE A 114 10.00 -6.12 -22.27
CA ILE A 114 10.06 -6.47 -20.84
C ILE A 114 11.10 -5.55 -20.23
N VAL A 115 10.69 -4.64 -19.33
CA VAL A 115 11.68 -3.78 -18.70
C VAL A 115 12.63 -4.61 -17.82
N PRO A 116 13.97 -4.48 -18.00
CA PRO A 116 14.84 -5.26 -17.11
C PRO A 116 14.70 -4.81 -15.64
N PRO A 117 15.12 -5.66 -14.69
CA PRO A 117 15.06 -5.24 -13.28
C PRO A 117 15.84 -3.95 -13.06
N PHE A 118 15.23 -3.03 -12.31
CA PHE A 118 15.88 -1.79 -11.93
C PHE A 118 15.11 -1.21 -10.76
N SER A 119 15.74 -0.27 -10.04
CA SER A 119 15.06 0.48 -8.97
C SER A 119 14.64 1.82 -9.55
N ALA A 120 13.34 2.02 -9.74
CA ALA A 120 12.84 3.28 -10.32
C ALA A 120 13.21 4.49 -9.46
N PHE A 121 13.74 5.52 -10.16
CA PHE A 121 14.18 6.84 -9.62
C PHE A 121 15.58 6.83 -9.04
N SER A 122 16.28 5.71 -9.15
CA SER A 122 17.70 5.74 -8.77
C SER A 122 18.41 6.85 -9.57
N PRO A 123 19.27 7.64 -8.92
CA PRO A 123 20.18 8.48 -9.73
C PRO A 123 21.21 7.67 -10.50
N GLN A 124 21.88 8.32 -11.45
CA GLN A 124 22.97 7.67 -12.20
C GLN A 124 24.21 7.66 -11.37
N GLY A 125 25.09 6.69 -11.59
CA GLY A 125 26.40 6.77 -10.95
C GLY A 125 27.15 5.47 -11.15
N MET A 126 28.44 5.49 -10.84
CA MET A 126 29.26 4.29 -10.95
C MET A 126 30.13 4.11 -9.70
N PRO A 127 29.52 4.18 -8.50
CA PRO A 127 30.33 4.11 -7.26
C PRO A 127 31.01 2.73 -7.09
N GLU A 128 32.25 2.74 -6.56
CA GLU A 128 33.01 1.49 -6.20
C GLU A 128 33.38 1.56 -4.76
N GLY A 129 33.28 0.46 -4.04
CA GLY A 129 33.73 0.46 -2.66
C GLY A 129 33.54 -0.87 -2.01
N ASP A 130 33.68 -0.88 -0.69
CA ASP A 130 33.55 -2.11 0.08
C ASP A 130 32.10 -2.26 0.52
N LEU A 131 31.65 -3.51 0.56
CA LEU A 131 30.29 -3.86 0.92
C LEU A 131 30.10 -3.93 2.43
N VAL A 132 28.95 -3.46 2.91
CA VAL A 132 28.44 -3.78 4.24
C VAL A 132 27.06 -4.42 4.08
N TYR A 133 26.86 -5.53 4.76
CA TYR A 133 25.57 -6.21 4.77
C TYR A 133 24.75 -5.71 5.96
N VAL A 134 23.51 -5.23 5.68
CA VAL A 134 22.74 -4.48 6.65
C VAL A 134 21.41 -5.17 6.95
N ASN A 135 21.36 -6.48 6.74
CA ASN A 135 20.15 -7.29 6.99
C ASN A 135 18.99 -6.71 6.14
N TYR A 136 17.85 -6.41 6.77
CA TYR A 136 16.73 -5.78 6.03
C TYR A 136 16.79 -4.27 5.86
N ALA A 137 17.90 -3.65 6.29
CA ALA A 137 18.09 -2.19 6.23
C ALA A 137 16.98 -1.41 6.98
N ARG A 138 16.39 -2.05 8.00
CA ARG A 138 15.45 -1.35 8.91
C ARG A 138 16.15 -0.37 9.82
N THR A 139 15.36 0.56 10.38
CA THR A 139 15.86 1.46 11.39
C THR A 139 16.63 0.68 12.49
N GLU A 140 16.04 -0.41 12.97
CA GLU A 140 16.72 -1.18 14.04
C GLU A 140 17.96 -1.93 13.55
N ASP A 141 18.01 -2.24 12.24
CA ASP A 141 19.25 -2.90 11.70
C ASP A 141 20.42 -1.92 11.72
N PHE A 142 20.13 -0.67 11.32
CA PHE A 142 21.15 0.37 11.37
C PHE A 142 21.54 0.77 12.80
N PHE A 143 20.54 0.82 13.70
CA PHE A 143 20.84 0.99 15.16
C PHE A 143 21.88 -0.06 15.62
N LYS A 144 21.64 -1.31 15.25
CA LYS A 144 22.48 -2.43 15.68
C LYS A 144 23.89 -2.28 15.13
N LEU A 145 23.99 -1.96 13.84
CA LEU A 145 25.30 -1.72 13.21
C LEU A 145 26.07 -0.60 13.85
N GLU A 146 25.47 0.60 13.90
CA GLU A 146 26.17 1.79 14.40
C GLU A 146 26.40 1.77 15.91
N ARG A 147 25.34 1.50 16.68
CA ARG A 147 25.38 1.70 18.14
C ARG A 147 26.04 0.54 18.87
N ASP A 148 25.66 -0.69 18.48
CA ASP A 148 26.16 -1.90 19.12
C ASP A 148 27.41 -2.47 18.48
N MET A 149 27.43 -2.58 17.16
CA MET A 149 28.58 -3.21 16.51
C MET A 149 29.68 -2.24 16.13
N LYS A 150 29.39 -0.94 16.15
CA LYS A 150 30.37 0.12 15.84
C LYS A 150 30.87 0.04 14.39
N ILE A 151 30.00 -0.39 13.47
CA ILE A 151 30.36 -0.48 12.06
C ILE A 151 29.87 0.81 11.38
N ASN A 152 30.73 1.46 10.63
CA ASN A 152 30.42 2.73 10.01
C ASN A 152 30.12 2.48 8.53
N CYS A 153 28.93 2.89 8.07
CA CYS A 153 28.52 2.69 6.66
C CYS A 153 28.94 3.82 5.75
N SER A 154 29.53 4.86 6.32
CA SER A 154 29.88 6.06 5.56
C SER A 154 30.82 5.72 4.39
N GLY A 155 30.41 6.07 3.15
CA GLY A 155 31.21 5.74 1.97
C GLY A 155 31.26 4.27 1.57
N LYS A 156 30.44 3.41 2.19
CA LYS A 156 30.34 1.98 1.85
C LYS A 156 29.17 1.74 0.88
N ILE A 157 29.24 0.66 0.12
CA ILE A 157 28.04 0.21 -0.60
C ILE A 157 27.30 -0.77 0.31
N VAL A 158 26.02 -0.52 0.58
N VAL A 158 26.00 -0.53 0.49
CA VAL A 158 25.33 -1.45 1.44
CA VAL A 158 25.16 -1.32 1.38
C VAL A 158 24.56 -2.45 0.60
C VAL A 158 24.45 -2.42 0.60
N ILE A 159 24.49 -3.67 1.11
CA ILE A 159 23.66 -4.72 0.51
C ILE A 159 22.63 -5.16 1.53
N ALA A 160 21.36 -5.11 1.11
CA ALA A 160 20.27 -5.37 1.98
C ALA A 160 19.36 -6.40 1.34
N ARG A 161 18.79 -7.27 2.17
CA ARG A 161 17.75 -8.15 1.66
C ARG A 161 16.39 -7.45 1.68
N TYR A 162 15.59 -7.72 0.65
CA TYR A 162 14.22 -7.26 0.59
C TYR A 162 13.41 -7.92 1.67
N GLY A 163 12.30 -7.29 2.07
CA GLY A 163 11.36 -7.89 3.03
C GLY A 163 11.25 -6.98 4.25
N LYS A 164 10.21 -7.23 5.05
CA LYS A 164 9.96 -6.56 6.36
C LYS A 164 9.51 -5.12 6.25
N VAL A 165 10.13 -4.33 5.35
CA VAL A 165 9.72 -2.91 5.20
C VAL A 165 9.78 -2.47 3.75
N PHE A 166 9.03 -1.42 3.42
CA PHE A 166 9.08 -0.84 2.05
C PHE A 166 10.50 -0.45 1.63
N ARG A 167 10.86 -0.80 0.39
CA ARG A 167 12.24 -0.59 -0.09
C ARG A 167 12.67 0.89 -0.08
N GLY A 168 11.71 1.81 -0.23
CA GLY A 168 12.06 3.23 -0.11
C GLY A 168 12.59 3.58 1.29
N ASN A 169 12.02 2.97 2.34
CA ASN A 169 12.54 3.24 3.68
C ASN A 169 13.95 2.67 3.85
N LYS A 170 14.21 1.50 3.26
CA LYS A 170 15.57 0.92 3.28
C LYS A 170 16.58 1.92 2.68
N VAL A 171 16.24 2.51 1.53
CA VAL A 171 17.15 3.42 0.84
C VAL A 171 17.37 4.70 1.67
N LYS A 172 16.28 5.25 2.24
CA LYS A 172 16.39 6.45 3.08
CA LYS A 172 16.38 6.45 3.08
C LYS A 172 17.30 6.14 4.26
N ASN A 173 17.08 4.97 4.88
CA ASN A 173 17.92 4.57 6.05
C ASN A 173 19.38 4.42 5.65
N ALA A 174 19.63 3.78 4.51
CA ALA A 174 21.02 3.62 4.01
C ALA A 174 21.68 4.98 3.74
N GLN A 175 20.94 5.86 3.08
CA GLN A 175 21.42 7.22 2.80
C GLN A 175 21.78 7.97 4.08
N LEU A 176 20.90 7.95 5.08
CA LEU A 176 21.18 8.64 6.34
C LEU A 176 22.37 8.03 7.11
N ALA A 177 22.64 6.76 6.87
CA ALA A 177 23.84 6.09 7.41
C ALA A 177 25.11 6.47 6.62
N GLY A 178 25.00 7.22 5.54
CA GLY A 178 26.17 7.64 4.71
C GLY A 178 26.63 6.68 3.62
N ALA A 179 25.80 5.67 3.28
CA ALA A 179 26.09 4.75 2.17
C ALA A 179 26.27 5.49 0.87
N LYS A 180 27.13 4.98 -0.01
CA LYS A 180 27.22 5.61 -1.31
C LYS A 180 26.48 4.83 -2.40
N GLY A 181 25.80 3.75 -2.01
CA GLY A 181 25.03 2.94 -2.96
C GLY A 181 24.31 1.85 -2.21
N VAL A 182 23.23 1.32 -2.81
CA VAL A 182 22.47 0.27 -2.17
C VAL A 182 22.24 -0.84 -3.19
N ILE A 183 22.49 -2.06 -2.77
CA ILE A 183 22.13 -3.25 -3.54
C ILE A 183 21.00 -3.99 -2.81
N LEU A 184 19.85 -4.17 -3.47
CA LEU A 184 18.73 -4.92 -2.88
C LEU A 184 18.72 -6.31 -3.47
N TYR A 185 18.40 -7.33 -2.66
CA TYR A 185 18.28 -8.68 -3.25
C TYR A 185 17.21 -9.48 -2.56
N SER A 186 16.71 -10.52 -3.24
CA SER A 186 15.67 -11.36 -2.67
C SER A 186 16.30 -12.63 -2.05
N ASP A 187 16.27 -12.74 -0.74
CA ASP A 187 16.85 -13.92 -0.07
C ASP A 187 15.82 -15.06 -0.12
N PRO A 188 16.26 -16.32 -0.42
CA PRO A 188 15.29 -17.43 -0.35
C PRO A 188 14.64 -17.54 1.00
N ALA A 189 15.28 -17.07 2.07
CA ALA A 189 14.59 -17.10 3.38
C ALA A 189 13.22 -16.36 3.37
N ASP A 190 13.13 -15.36 2.51
CA ASP A 190 11.99 -14.47 2.46
C ASP A 190 11.14 -14.68 1.22
N TYR A 191 11.71 -15.29 0.17
CA TYR A 191 10.98 -15.44 -1.08
C TYR A 191 11.00 -16.87 -1.66
N PHE A 192 11.26 -17.87 -0.82
CA PHE A 192 11.21 -19.28 -1.27
C PHE A 192 10.59 -20.09 -0.14
N ALA A 193 9.33 -20.44 -0.32
CA ALA A 193 8.62 -21.22 0.68
C ALA A 193 9.13 -22.68 0.61
N PRO A 194 9.57 -23.24 1.77
CA PRO A 194 9.97 -24.67 1.86
C PRO A 194 8.98 -25.64 1.19
N GLY A 195 9.53 -26.57 0.40
CA GLY A 195 8.74 -27.60 -0.26
C GLY A 195 7.90 -27.24 -1.47
N VAL A 196 8.08 -26.03 -2.02
CA VAL A 196 7.39 -25.61 -3.25
C VAL A 196 8.45 -25.36 -4.31
N LYS A 197 8.13 -25.65 -5.55
CA LYS A 197 9.09 -25.47 -6.64
C LYS A 197 9.09 -24.04 -7.16
N SER A 198 10.25 -23.64 -7.72
CA SER A 198 10.45 -22.39 -8.47
CA SER A 198 10.36 -22.35 -8.36
C SER A 198 9.59 -22.35 -9.69
N TYR A 199 9.14 -21.14 -10.08
CA TYR A 199 8.48 -20.93 -11.35
C TYR A 199 9.35 -21.50 -12.49
N PRO A 200 8.82 -22.19 -13.49
CA PRO A 200 7.38 -22.41 -13.81
C PRO A 200 6.70 -23.65 -13.16
N ASP A 201 7.41 -24.34 -12.29
CA ASP A 201 6.80 -25.58 -11.82
CA ASP A 201 7.01 -25.63 -11.70
C ASP A 201 6.19 -25.43 -10.44
N GLY A 202 6.30 -24.22 -9.87
CA GLY A 202 5.60 -23.88 -8.64
C GLY A 202 5.59 -22.36 -8.53
N TRP A 203 5.22 -21.87 -7.35
CA TRP A 203 5.07 -20.42 -7.17
C TRP A 203 6.25 -19.73 -6.47
N ASN A 204 7.38 -20.42 -6.35
CA ASN A 204 8.57 -19.83 -5.74
C ASN A 204 9.39 -18.97 -6.70
N LEU A 205 10.22 -18.09 -6.13
CA LEU A 205 11.12 -17.26 -6.90
C LEU A 205 12.38 -18.06 -7.25
N PRO A 206 12.72 -18.11 -8.56
CA PRO A 206 13.97 -18.72 -8.99
C PRO A 206 15.14 -17.83 -8.72
N GLY A 207 16.34 -18.39 -8.77
CA GLY A 207 17.52 -17.60 -8.40
C GLY A 207 17.85 -16.45 -9.34
N GLY A 208 17.31 -16.48 -10.57
CA GLY A 208 17.50 -15.41 -11.55
C GLY A 208 16.35 -14.38 -11.48
N GLY A 209 15.37 -14.64 -10.61
CA GLY A 209 14.17 -13.76 -10.45
C GLY A 209 14.58 -12.50 -9.68
N VAL A 210 13.97 -11.37 -10.02
CA VAL A 210 14.33 -10.10 -9.38
C VAL A 210 13.06 -9.27 -9.19
N GLN A 211 12.97 -8.63 -8.02
CA GLN A 211 11.83 -7.80 -7.70
C GLN A 211 12.11 -6.36 -8.14
N ARG A 212 11.33 -5.89 -9.12
CA ARG A 212 11.34 -4.45 -9.48
C ARG A 212 10.66 -3.60 -8.38
N GLY A 213 10.88 -2.28 -8.43
CA GLY A 213 10.03 -1.39 -7.57
C GLY A 213 10.68 -0.03 -7.35
N ASN A 214 9.83 1.00 -7.19
CA ASN A 214 10.41 2.35 -6.97
C ASN A 214 10.96 2.45 -5.53
N ILE A 215 11.86 3.42 -5.33
N ILE A 215 11.87 3.41 -5.34
CA ILE A 215 12.60 3.64 -4.07
CA ILE A 215 12.58 3.61 -4.07
C ILE A 215 12.46 5.10 -3.63
C ILE A 215 12.32 4.98 -3.45
N LEU A 216 11.31 5.70 -3.97
CA LEU A 216 10.98 7.05 -3.52
C LEU A 216 10.58 7.11 -2.06
N ASN A 217 10.76 8.31 -1.46
CA ASN A 217 10.12 8.62 -0.16
C ASN A 217 9.21 9.82 -0.33
N LEU A 218 8.05 9.59 -0.92
CA LEU A 218 7.18 10.72 -1.26
C LEU A 218 6.36 11.23 -0.11
N ASN A 219 6.10 10.38 0.90
CA ASN A 219 5.24 10.79 2.04
C ASN A 219 3.89 11.38 1.60
N GLY A 220 3.30 10.79 0.55
CA GLY A 220 1.99 11.23 0.08
C GLY A 220 1.99 12.29 -1.00
N ALA A 221 3.16 12.74 -1.46
CA ALA A 221 3.20 13.94 -2.35
C ALA A 221 2.67 13.73 -3.76
N GLY A 222 2.69 12.49 -4.27
CA GLY A 222 2.33 12.27 -5.67
C GLY A 222 3.54 12.57 -6.58
N ASP A 223 3.28 13.11 -7.77
CA ASP A 223 4.38 13.43 -8.72
C ASP A 223 5.44 14.25 -8.01
N PRO A 224 6.69 13.79 -8.05
CA PRO A 224 7.74 14.50 -7.35
C PRO A 224 7.87 15.98 -7.73
N LEU A 225 7.43 16.37 -8.93
CA LEU A 225 7.67 17.76 -9.39
C LEU A 225 6.51 18.73 -9.09
N THR A 226 5.36 18.22 -8.65
CA THR A 226 4.16 19.11 -8.51
C THR A 226 3.39 18.87 -7.21
N PRO A 227 4.10 18.80 -6.07
CA PRO A 227 3.35 18.52 -4.83
C PRO A 227 2.27 19.55 -4.51
N GLY A 228 1.05 19.06 -4.24
CA GLY A 228 -0.08 19.96 -3.92
C GLY A 228 -1.06 20.15 -5.06
N TYR A 229 -0.61 19.98 -6.31
CA TYR A 229 -1.39 20.49 -7.49
C TYR A 229 -1.29 19.47 -8.62
N PRO A 230 -2.34 19.35 -9.44
CA PRO A 230 -2.25 18.32 -10.51
C PRO A 230 -1.21 18.69 -11.59
N ALA A 231 -0.53 17.65 -12.08
CA ALA A 231 0.48 17.82 -13.11
C ALA A 231 -0.18 17.97 -14.49
N ASN A 232 -0.98 19.04 -14.64
CA ASN A 232 -1.75 19.29 -15.86
C ASN A 232 -0.89 19.99 -16.90
N GLU A 233 -1.54 20.49 -17.95
CA GLU A 233 -0.79 20.99 -19.10
C GLU A 233 -0.02 22.26 -18.78
N TYR A 234 -0.52 23.09 -17.85
CA TYR A 234 0.20 24.36 -17.56
C TYR A 234 0.94 24.36 -16.22
N ALA A 235 1.13 23.18 -15.62
CA ALA A 235 1.72 23.10 -14.29
C ALA A 235 3.12 23.70 -14.25
N TYR A 236 3.45 24.35 -13.14
CA TYR A 236 4.84 24.76 -12.90
C TYR A 236 5.47 23.57 -12.16
N ARG A 237 6.62 23.15 -12.63
CA ARG A 237 7.33 22.03 -12.05
C ARG A 237 8.51 22.49 -11.28
N ARG A 238 8.75 21.85 -10.15
CA ARG A 238 10.04 21.99 -9.48
C ARG A 238 11.18 21.51 -10.38
N GLY A 239 12.35 22.12 -10.19
CA GLY A 239 13.57 21.52 -10.75
C GLY A 239 13.86 20.23 -9.99
N ILE A 240 14.65 19.36 -10.63
CA ILE A 240 15.00 18.04 -10.11
C ILE A 240 15.61 18.14 -8.72
N ALA A 241 16.47 19.13 -8.52
CA ALA A 241 17.14 19.31 -7.23
C ALA A 241 16.15 19.58 -6.11
N GLU A 242 14.97 20.14 -6.42
CA GLU A 242 13.94 20.41 -5.39
C GLU A 242 12.76 19.40 -5.43
N ALA A 243 12.86 18.38 -6.27
CA ALA A 243 11.81 17.35 -6.37
C ALA A 243 11.59 16.65 -5.02
N VAL A 244 10.36 16.16 -4.83
CA VAL A 244 10.06 15.42 -3.63
C VAL A 244 10.49 13.95 -3.73
N GLY A 245 11.26 13.52 -2.72
CA GLY A 245 11.37 12.08 -2.48
C GLY A 245 12.41 11.28 -3.23
N LEU A 246 13.25 11.95 -4.02
CA LEU A 246 14.22 11.21 -4.84
C LEU A 246 15.41 10.74 -4.00
N PRO A 247 15.93 9.56 -4.30
CA PRO A 247 17.09 9.07 -3.55
C PRO A 247 18.36 9.78 -4.06
N SER A 248 19.37 9.86 -3.20
CA SER A 248 20.59 10.57 -3.56
CA SER A 248 20.59 10.56 -3.57
C SER A 248 21.76 9.65 -3.91
N ILE A 249 21.55 8.34 -3.76
CA ILE A 249 22.60 7.33 -4.06
C ILE A 249 22.04 6.28 -5.01
N PRO A 250 22.89 5.74 -5.89
CA PRO A 250 22.41 4.71 -6.81
C PRO A 250 21.94 3.41 -6.11
N VAL A 251 20.94 2.77 -6.70
CA VAL A 251 20.32 1.58 -6.11
C VAL A 251 19.96 0.59 -7.24
N HIS A 252 20.14 -0.70 -6.98
CA HIS A 252 19.81 -1.70 -7.97
C HIS A 252 19.40 -3.01 -7.34
N PRO A 253 18.39 -3.70 -7.88
CA PRO A 253 17.98 -4.97 -7.27
C PRO A 253 18.51 -6.18 -8.08
N ILE A 254 18.81 -7.28 -7.38
CA ILE A 254 19.34 -8.52 -7.95
C ILE A 254 18.65 -9.75 -7.34
N GLY A 255 18.82 -10.90 -7.99
CA GLY A 255 18.29 -12.14 -7.51
C GLY A 255 19.35 -12.84 -6.65
N TYR A 256 18.96 -13.98 -6.09
CA TYR A 256 19.82 -14.63 -5.11
C TYR A 256 20.98 -15.43 -5.70
N TYR A 257 20.89 -15.85 -6.98
CA TYR A 257 22.13 -16.36 -7.63
C TYR A 257 23.23 -15.31 -7.65
N ASP A 258 22.89 -14.09 -8.05
CA ASP A 258 23.88 -13.00 -8.07
C ASP A 258 24.26 -12.53 -6.67
N ALA A 259 23.28 -12.51 -5.75
CA ALA A 259 23.58 -12.08 -4.38
C ALA A 259 24.56 -13.04 -3.74
N GLN A 260 24.38 -14.33 -4.00
CA GLN A 260 25.32 -15.31 -3.42
C GLN A 260 26.80 -14.98 -3.80
N LYS A 261 27.01 -14.61 -5.06
CA LYS A 261 28.32 -14.21 -5.54
C LYS A 261 28.86 -12.96 -4.85
N LEU A 262 27.99 -12.04 -4.49
CA LEU A 262 28.42 -10.82 -3.78
C LEU A 262 28.66 -11.07 -2.29
N LEU A 263 27.86 -11.97 -1.70
CA LEU A 263 27.92 -12.19 -0.28
C LEU A 263 29.01 -13.21 0.10
N GLU A 264 29.28 -14.17 -0.78
CA GLU A 264 30.15 -15.32 -0.36
C GLU A 264 31.56 -14.93 0.10
N LYS A 265 32.10 -13.83 -0.43
CA LYS A 265 33.43 -13.38 -0.04
C LYS A 265 33.45 -12.41 1.13
N MET A 266 32.29 -12.08 1.69
CA MET A 266 32.23 -11.10 2.80
C MET A 266 33.04 -11.44 4.08
N GLY A 267 33.82 -10.48 4.54
CA GLY A 267 34.63 -10.61 5.76
C GLY A 267 34.18 -9.68 6.86
N GLY A 268 35.14 -9.17 7.64
CA GLY A 268 34.83 -8.30 8.79
C GLY A 268 34.07 -9.06 9.86
N SER A 269 33.14 -8.38 10.51
N SER A 269 33.14 -8.37 10.52
CA SER A 269 32.44 -8.93 11.68
CA SER A 269 32.42 -8.94 11.67
C SER A 269 31.43 -10.01 11.31
C SER A 269 31.45 -10.04 11.28
N ALA A 270 31.21 -10.98 12.21
CA ALA A 270 30.16 -12.01 12.04
C ALA A 270 28.76 -11.34 12.11
N PRO A 271 27.71 -12.01 11.56
CA PRO A 271 26.33 -11.51 11.83
C PRO A 271 26.12 -11.50 13.37
N PRO A 272 25.43 -10.49 13.92
CA PRO A 272 25.33 -10.38 15.38
C PRO A 272 24.47 -11.47 16.02
N ASP A 273 23.63 -12.11 15.22
CA ASP A 273 22.73 -13.17 15.68
C ASP A 273 22.04 -13.82 14.49
N SER A 274 21.26 -14.87 14.74
CA SER A 274 20.64 -15.64 13.66
C SER A 274 19.52 -14.89 12.89
N SER A 275 18.96 -13.82 13.47
CA SER A 275 17.93 -13.00 12.78
C SER A 275 18.50 -12.23 11.58
N TRP A 276 19.83 -12.14 11.51
CA TRP A 276 20.59 -11.56 10.41
C TRP A 276 21.00 -12.55 9.30
N ARG A 277 20.78 -13.86 9.52
CA ARG A 277 21.16 -14.87 8.54
C ARG A 277 19.96 -15.30 7.69
N GLY A 278 20.10 -15.23 6.36
CA GLY A 278 19.12 -15.81 5.46
C GLY A 278 19.42 -17.27 5.19
N SER A 279 19.01 -17.77 4.02
CA SER A 279 19.08 -19.19 3.67
C SER A 279 20.21 -19.58 2.72
N LEU A 280 20.98 -18.63 2.22
CA LEU A 280 22.03 -18.98 1.29
C LEU A 280 23.24 -19.58 2.04
N LYS A 281 24.06 -20.31 1.32
CA LYS A 281 25.21 -20.99 1.90
C LYS A 281 26.37 -20.02 1.94
N VAL A 282 26.22 -19.02 2.80
CA VAL A 282 27.17 -17.94 3.00
C VAL A 282 27.17 -17.59 4.49
N PRO A 283 28.24 -16.95 5.00
CA PRO A 283 28.29 -16.66 6.44
C PRO A 283 27.38 -15.50 6.89
N TYR A 284 26.97 -14.63 5.96
CA TYR A 284 26.22 -13.39 6.30
C TYR A 284 27.08 -12.46 7.17
N ASN A 285 28.39 -12.43 6.89
CA ASN A 285 29.26 -11.52 7.60
C ASN A 285 28.81 -10.10 7.24
N VAL A 286 28.92 -9.19 8.20
CA VAL A 286 28.46 -7.83 7.98
C VAL A 286 29.50 -7.00 7.19
N GLY A 287 30.76 -7.47 7.18
CA GLY A 287 31.81 -6.65 6.57
C GLY A 287 32.37 -5.64 7.57
N PRO A 288 32.88 -4.50 7.10
CA PRO A 288 32.98 -4.11 5.69
C PRO A 288 33.97 -4.94 4.88
N GLY A 289 33.74 -5.02 3.58
CA GLY A 289 34.73 -5.62 2.67
C GLY A 289 34.77 -7.14 2.72
N PHE A 290 35.67 -7.70 1.92
CA PHE A 290 35.80 -9.14 1.70
C PHE A 290 36.93 -9.74 2.59
N THR A 291 36.92 -11.07 2.77
CA THR A 291 37.98 -11.79 3.56
C THR A 291 39.36 -11.67 2.91
N GLY A 292 40.41 -11.88 3.73
CA GLY A 292 41.81 -11.67 3.37
C GLY A 292 42.28 -11.81 1.94
N ASN A 293 42.02 -12.97 1.33
CA ASN A 293 42.46 -13.27 -0.06
C ASN A 293 41.95 -12.25 -1.07
N PHE A 294 40.75 -11.74 -0.81
CA PHE A 294 39.99 -10.91 -1.74
C PHE A 294 39.82 -9.46 -1.26
N SER A 295 40.50 -9.11 -0.16
CA SER A 295 40.36 -7.80 0.46
C SER A 295 40.65 -6.61 -0.46
N THR A 296 41.34 -6.85 -1.59
CA THR A 296 41.65 -5.78 -2.55
C THR A 296 40.60 -5.66 -3.66
N GLN A 297 39.70 -6.63 -3.72
CA GLN A 297 38.60 -6.57 -4.68
C GLN A 297 37.55 -5.59 -4.14
N LYS A 298 36.81 -4.95 -5.05
CA LYS A 298 35.75 -4.03 -4.65
C LYS A 298 34.44 -4.33 -5.40
N VAL A 299 33.34 -3.67 -5.01
CA VAL A 299 32.07 -3.79 -5.74
C VAL A 299 31.81 -2.47 -6.47
N LYS A 300 31.36 -2.57 -7.72
CA LYS A 300 31.09 -1.41 -8.52
C LYS A 300 29.69 -1.51 -9.13
N MET A 301 28.91 -0.45 -8.96
CA MET A 301 27.56 -0.37 -9.56
C MET A 301 27.66 0.42 -10.87
N HIS A 302 26.78 0.16 -11.83
CA HIS A 302 26.73 0.95 -13.04
C HIS A 302 25.27 1.24 -13.26
N ILE A 303 24.87 2.46 -12.92
CA ILE A 303 23.45 2.84 -13.06
C ILE A 303 23.32 4.02 -14.00
N HIS A 304 22.50 3.83 -15.03
CA HIS A 304 22.33 4.81 -16.11
C HIS A 304 20.84 5.15 -16.42
N SER A 305 19.95 4.79 -15.49
CA SER A 305 18.52 5.05 -15.65
C SER A 305 18.30 6.55 -15.72
N THR A 306 17.23 6.99 -16.41
CA THR A 306 16.93 8.42 -16.48
C THR A 306 15.52 8.72 -16.00
N ASN A 307 15.36 9.86 -15.35
CA ASN A 307 14.02 10.32 -14.92
C ASN A 307 13.49 11.17 -16.06
N GLU A 308 12.24 10.99 -16.41
CA GLU A 308 11.68 11.71 -17.55
C GLU A 308 10.20 12.00 -17.31
N VAL A 309 9.81 13.22 -17.59
CA VAL A 309 8.40 13.60 -17.46
C VAL A 309 7.66 12.90 -18.62
N THR A 310 6.62 12.15 -18.27
CA THR A 310 5.97 11.25 -19.21
C THR A 310 4.45 11.31 -18.97
N ARG A 311 3.67 11.16 -20.05
CA ARG A 311 2.21 11.26 -19.89
C ARG A 311 1.63 9.92 -19.37
N ILE A 312 0.69 10.04 -18.45
CA ILE A 312 0.00 8.83 -17.85
C ILE A 312 -1.49 9.06 -17.99
N TYR A 313 -2.29 7.97 -17.92
CA TYR A 313 -3.71 8.06 -18.19
C TYR A 313 -4.55 7.29 -17.17
N ASN A 314 -5.44 7.97 -16.48
CA ASN A 314 -6.43 7.27 -15.65
C ASN A 314 -7.69 7.11 -16.45
N VAL A 315 -8.40 5.99 -16.25
CA VAL A 315 -9.75 5.91 -16.83
C VAL A 315 -10.72 6.13 -15.66
N ILE A 316 -11.71 7.03 -15.85
CA ILE A 316 -12.67 7.42 -14.82
C ILE A 316 -14.08 7.15 -15.37
N GLY A 317 -14.76 6.17 -14.80
CA GLY A 317 -16.13 5.83 -15.23
C GLY A 317 -17.14 6.34 -14.22
N THR A 318 -18.28 6.82 -14.66
CA THR A 318 -19.30 7.35 -13.73
C THR A 318 -20.60 6.59 -13.92
N LEU A 319 -21.20 6.19 -12.79
CA LEU A 319 -22.58 5.66 -12.80
C LEU A 319 -23.36 6.61 -11.90
N ARG A 320 -24.08 7.54 -12.52
CA ARG A 320 -24.80 8.61 -11.77
C ARG A 320 -25.87 8.08 -10.78
N GLY A 321 -25.85 8.60 -9.54
CA GLY A 321 -26.80 8.21 -8.50
C GLY A 321 -28.20 8.75 -8.85
N ALA A 322 -29.22 7.95 -8.53
CA ALA A 322 -30.63 8.34 -8.75
C ALA A 322 -31.09 9.39 -7.76
N VAL A 323 -30.61 9.34 -6.51
CA VAL A 323 -31.21 10.17 -5.44
C VAL A 323 -30.16 11.16 -4.91
N GLU A 324 -28.93 10.67 -4.69
CA GLU A 324 -27.83 11.56 -4.24
C GLU A 324 -26.66 11.50 -5.21
N PRO A 325 -26.85 12.07 -6.42
CA PRO A 325 -25.77 12.09 -7.42
C PRO A 325 -24.53 12.87 -6.96
N ASP A 326 -24.70 13.73 -5.95
CA ASP A 326 -23.57 14.51 -5.45
C ASP A 326 -22.87 13.79 -4.27
N ARG A 327 -23.04 12.46 -4.15
CA ARG A 327 -22.34 11.68 -3.15
C ARG A 327 -21.63 10.59 -3.90
N TYR A 328 -20.33 10.46 -3.65
CA TYR A 328 -19.49 9.54 -4.51
C TYR A 328 -18.95 8.41 -3.72
N VAL A 329 -19.14 7.21 -4.27
CA VAL A 329 -18.55 5.98 -3.72
C VAL A 329 -17.59 5.54 -4.83
N ILE A 330 -16.31 5.37 -4.47
CA ILE A 330 -15.27 5.18 -5.46
C ILE A 330 -14.69 3.79 -5.34
N LEU A 331 -14.68 3.08 -6.48
CA LEU A 331 -13.92 1.83 -6.56
C LEU A 331 -12.75 2.07 -7.48
N GLY A 332 -11.53 1.95 -6.93
CA GLY A 332 -10.37 2.33 -7.77
C GLY A 332 -9.26 1.31 -7.62
N GLY A 333 -8.52 1.09 -8.70
CA GLY A 333 -7.34 0.24 -8.59
C GLY A 333 -6.50 0.57 -9.80
N HIS A 334 -5.21 0.20 -9.77
CA HIS A 334 -4.36 0.59 -10.90
C HIS A 334 -4.29 -0.46 -12.00
N ARG A 335 -3.73 -0.02 -13.12
CA ARG A 335 -3.68 -0.80 -14.36
C ARG A 335 -2.26 -0.99 -14.83
N ASP A 336 -1.36 -0.03 -14.53
CA ASP A 336 0.06 -0.18 -14.93
C ASP A 336 0.70 -1.31 -14.16
N SER A 337 1.64 -1.98 -14.81
CA SER A 337 2.30 -3.11 -14.17
C SER A 337 3.80 -3.00 -14.42
N TRP A 338 4.61 -3.71 -13.61
CA TRP A 338 6.06 -3.76 -13.92
C TRP A 338 6.37 -4.56 -15.16
N VAL A 339 5.78 -5.74 -15.25
CA VAL A 339 5.87 -6.55 -16.48
C VAL A 339 4.46 -7.00 -16.87
N PHE A 340 4.12 -8.27 -16.68
CA PHE A 340 2.83 -8.76 -17.16
C PHE A 340 1.72 -8.50 -16.15
N GLY A 341 2.09 -8.33 -14.89
CA GLY A 341 1.06 -7.96 -13.87
C GLY A 341 -0.02 -9.05 -13.61
N GLY A 342 0.41 -10.32 -13.74
CA GLY A 342 -0.51 -11.47 -13.55
C GLY A 342 -1.25 -11.40 -12.22
N ILE A 343 -0.52 -11.03 -11.14
CA ILE A 343 -1.24 -10.75 -9.89
C ILE A 343 -1.41 -9.22 -9.75
N ASP A 344 -0.28 -8.52 -9.82
CA ASP A 344 -0.23 -7.08 -9.45
C ASP A 344 -0.10 -6.23 -10.74
N PRO A 345 -1.17 -5.56 -11.22
CA PRO A 345 -2.47 -5.38 -10.57
C PRO A 345 -3.60 -6.10 -11.29
N GLN A 346 -3.33 -6.91 -12.32
CA GLN A 346 -4.44 -7.28 -13.21
C GLN A 346 -5.42 -8.26 -12.55
N SER A 347 -4.99 -8.99 -11.52
N SER A 347 -4.98 -9.00 -11.55
CA SER A 347 -5.95 -9.83 -10.74
CA SER A 347 -5.94 -9.81 -10.79
C SER A 347 -6.99 -8.94 -10.03
C SER A 347 -7.00 -8.89 -10.16
N GLY A 348 -6.56 -7.72 -9.71
CA GLY A 348 -7.49 -6.69 -9.17
C GLY A 348 -8.27 -6.04 -10.28
N ALA A 349 -7.61 -5.62 -11.35
CA ALA A 349 -8.31 -4.92 -12.44
C ALA A 349 -9.33 -5.77 -13.13
N ALA A 350 -9.09 -7.09 -13.22
CA ALA A 350 -10.10 -8.02 -13.85
C ALA A 350 -11.33 -8.09 -12.99
N VAL A 351 -11.12 -8.02 -11.68
CA VAL A 351 -12.20 -8.03 -10.71
C VAL A 351 -13.00 -6.72 -10.84
N VAL A 352 -12.31 -5.57 -10.92
CA VAL A 352 -13.04 -4.30 -11.13
C VAL A 352 -13.88 -4.38 -12.45
N HIS A 353 -13.28 -4.93 -13.52
CA HIS A 353 -13.93 -4.97 -14.83
C HIS A 353 -15.24 -5.74 -14.74
N GLU A 354 -15.19 -6.87 -14.05
CA GLU A 354 -16.41 -7.68 -13.83
C GLU A 354 -17.45 -7.00 -12.93
N ILE A 355 -16.98 -6.29 -11.90
CA ILE A 355 -17.90 -5.45 -11.10
C ILE A 355 -18.62 -4.39 -11.93
N VAL A 356 -17.87 -3.72 -12.79
CA VAL A 356 -18.45 -2.68 -13.68
C VAL A 356 -19.50 -3.36 -14.58
N ARG A 357 -19.10 -4.48 -15.14
CA ARG A 357 -19.99 -5.24 -16.03
C ARG A 357 -21.30 -5.57 -15.32
N SER A 358 -21.22 -6.07 -14.08
CA SER A 358 -22.44 -6.41 -13.32
C SER A 358 -23.32 -5.18 -13.01
N PHE A 359 -22.73 -4.09 -12.52
CA PHE A 359 -23.50 -2.89 -12.25
C PHE A 359 -24.16 -2.41 -13.52
N GLY A 360 -23.45 -2.53 -14.65
CA GLY A 360 -23.92 -2.05 -15.94
C GLY A 360 -25.10 -2.90 -16.47
N THR A 361 -25.09 -4.19 -16.16
CA THR A 361 -26.22 -5.09 -16.49
C THR A 361 -27.48 -4.59 -15.78
N LEU A 362 -27.37 -4.30 -14.49
CA LEU A 362 -28.51 -3.78 -13.72
C LEU A 362 -28.93 -2.43 -14.25
N LYS A 363 -27.97 -1.56 -14.60
CA LYS A 363 -28.31 -0.26 -15.15
CA LYS A 363 -28.27 -0.25 -15.18
C LYS A 363 -29.12 -0.38 -16.45
N LYS A 364 -28.71 -1.30 -17.33
CA LYS A 364 -29.44 -1.55 -18.59
C LYS A 364 -30.88 -2.01 -18.38
N GLU A 365 -31.16 -2.65 -17.24
CA GLU A 365 -32.52 -3.05 -16.87
C GLU A 365 -33.29 -1.94 -16.16
N GLY A 366 -32.69 -0.75 -16.04
CA GLY A 366 -33.39 0.41 -15.47
C GLY A 366 -33.02 0.82 -14.05
N TRP A 367 -32.08 0.11 -13.44
CA TRP A 367 -31.71 0.40 -12.06
C TRP A 367 -30.63 1.47 -12.04
N ARG A 368 -30.63 2.27 -10.98
CA ARG A 368 -29.48 3.13 -10.67
C ARG A 368 -29.20 3.01 -9.19
N PRO A 369 -27.91 3.14 -8.80
CA PRO A 369 -27.64 3.21 -7.38
C PRO A 369 -28.19 4.50 -6.79
N ARG A 370 -28.40 4.54 -5.48
CA ARG A 370 -28.90 5.74 -4.82
C ARG A 370 -27.85 6.89 -5.00
N ARG A 371 -26.59 6.55 -4.68
CA ARG A 371 -25.43 7.52 -4.79
C ARG A 371 -24.64 7.22 -6.05
N THR A 372 -23.86 8.20 -6.53
CA THR A 372 -22.95 8.02 -7.68
C THR A 372 -21.85 7.06 -7.33
N ILE A 373 -21.54 6.16 -8.28
CA ILE A 373 -20.36 5.30 -8.16
C ILE A 373 -19.38 5.75 -9.22
N LEU A 374 -18.14 5.98 -8.78
CA LEU A 374 -17.05 6.29 -9.68
C LEU A 374 -16.14 5.05 -9.69
N PHE A 375 -15.73 4.69 -10.91
CA PHE A 375 -14.82 3.58 -11.15
C PHE A 375 -13.54 4.13 -11.75
N ALA A 376 -12.41 3.67 -11.21
CA ALA A 376 -11.11 4.21 -11.67
C ALA A 376 -10.10 3.10 -11.98
N SER A 377 -9.47 3.27 -13.14
CA SER A 377 -8.30 2.47 -13.58
C SER A 377 -7.12 3.44 -13.51
N TRP A 378 -6.34 3.35 -12.42
CA TRP A 378 -5.27 4.34 -12.19
C TRP A 378 -4.02 3.96 -12.94
N ASP A 379 -3.26 5.00 -13.33
CA ASP A 379 -1.96 4.76 -13.98
C ASP A 379 -0.84 5.12 -12.99
N ALA A 380 0.37 4.66 -13.33
CA ALA A 380 1.61 4.97 -12.61
C ALA A 380 1.54 4.74 -11.11
N GLU A 381 0.76 3.73 -10.68
CA GLU A 381 0.76 3.41 -9.26
C GLU A 381 2.16 2.92 -8.90
N GLU A 382 2.76 2.15 -9.78
CA GLU A 382 4.07 1.55 -9.45
C GLU A 382 5.18 2.56 -9.29
N PHE A 383 4.97 3.78 -9.78
CA PHE A 383 6.02 4.80 -9.70
C PHE A 383 5.71 5.80 -8.61
N GLY A 384 4.77 5.43 -7.71
CA GLY A 384 4.56 6.29 -6.50
C GLY A 384 3.14 6.75 -6.31
N LEU A 385 2.18 5.91 -6.74
CA LEU A 385 0.76 6.24 -6.53
C LEU A 385 0.44 7.54 -7.33
N LEU A 386 1.05 7.67 -8.50
CA LEU A 386 1.04 8.98 -9.13
C LEU A 386 -0.31 9.32 -9.77
N GLY A 387 -0.92 8.36 -10.45
CA GLY A 387 -2.17 8.63 -11.16
C GLY A 387 -3.30 8.92 -10.17
N SER A 388 -3.44 8.11 -9.12
CA SER A 388 -4.56 8.37 -8.18
C SER A 388 -4.30 9.73 -7.47
N THR A 389 -3.05 9.96 -7.08
CA THR A 389 -2.74 11.21 -6.33
C THR A 389 -2.96 12.47 -7.17
N GLU A 390 -2.50 12.47 -8.44
CA GLU A 390 -2.69 13.68 -9.30
C GLU A 390 -4.18 13.92 -9.52
N TRP A 391 -4.97 12.86 -9.76
CA TRP A 391 -6.40 13.02 -9.98
C TRP A 391 -7.11 13.56 -8.70
N ALA A 392 -6.71 13.03 -7.53
CA ALA A 392 -7.27 13.55 -6.30
C ALA A 392 -6.83 14.98 -6.03
N GLU A 393 -5.58 15.33 -6.41
CA GLU A 393 -5.15 16.77 -6.27
C GLU A 393 -6.05 17.66 -7.18
N GLU A 394 -6.31 17.20 -8.40
N GLU A 394 -6.33 17.18 -8.39
CA GLU A 394 -7.16 17.96 -9.29
CA GLU A 394 -7.17 17.90 -9.35
C GLU A 394 -8.57 18.13 -8.71
C GLU A 394 -8.61 18.07 -8.86
N ASN A 395 -9.10 17.06 -8.14
CA ASN A 395 -10.52 17.02 -7.75
C ASN A 395 -10.75 17.12 -6.27
N SER A 396 -9.77 17.66 -5.55
CA SER A 396 -9.78 17.56 -4.07
C SER A 396 -11.02 18.22 -3.46
N ARG A 397 -11.46 19.32 -4.03
CA ARG A 397 -12.64 20.01 -3.45
C ARG A 397 -13.92 19.15 -3.63
N LEU A 398 -14.09 18.56 -4.81
CA LEU A 398 -15.23 17.64 -4.99
C LEU A 398 -15.15 16.44 -4.02
N LEU A 399 -13.95 15.87 -3.89
CA LEU A 399 -13.80 14.69 -3.05
C LEU A 399 -13.99 15.00 -1.60
N GLN A 400 -13.49 16.11 -1.11
N GLN A 400 -13.46 16.16 -1.20
CA GLN A 400 -13.68 16.30 0.32
CA GLN A 400 -13.59 16.71 0.16
C GLN A 400 -15.09 16.76 0.71
C GLN A 400 -15.04 16.74 0.62
N GLU A 401 -15.88 17.34 -0.22
CA GLU A 401 -17.24 17.68 0.16
C GLU A 401 -18.25 16.60 -0.24
N ARG A 402 -17.84 15.70 -1.13
CA ARG A 402 -18.78 14.71 -1.65
C ARG A 402 -18.38 13.25 -1.47
N GLY A 403 -17.15 12.99 -1.02
CA GLY A 403 -16.59 11.62 -1.06
C GLY A 403 -17.10 10.83 0.12
N VAL A 404 -17.91 9.81 -0.17
CA VAL A 404 -18.41 8.93 0.89
C VAL A 404 -17.36 7.91 1.31
N ALA A 405 -16.80 7.21 0.32
CA ALA A 405 -15.89 6.11 0.60
C ALA A 405 -15.08 5.78 -0.61
N TYR A 406 -13.91 5.19 -0.34
CA TYR A 406 -13.04 4.70 -1.41
C TYR A 406 -12.71 3.24 -1.08
N ILE A 407 -13.00 2.34 -2.05
CA ILE A 407 -12.60 0.96 -1.92
C ILE A 407 -11.47 0.69 -2.95
N ASN A 408 -10.31 0.21 -2.46
CA ASN A 408 -9.20 0.00 -3.37
C ASN A 408 -9.37 -1.35 -4.09
N ALA A 409 -8.61 -1.56 -5.18
CA ALA A 409 -8.78 -2.82 -5.96
C ALA A 409 -7.50 -3.14 -6.69
N ASP A 410 -6.41 -3.24 -5.94
CA ASP A 410 -5.21 -3.83 -6.51
C ASP A 410 -5.33 -5.36 -6.37
N SER A 411 -4.21 -6.05 -6.32
CA SER A 411 -4.15 -7.54 -6.40
CA SER A 411 -4.19 -7.53 -6.43
C SER A 411 -5.28 -8.21 -5.61
N SER A 412 -6.06 -9.06 -6.28
CA SER A 412 -7.20 -9.74 -5.61
C SER A 412 -6.71 -10.93 -4.75
N ILE A 413 -5.50 -11.43 -5.04
CA ILE A 413 -4.93 -12.58 -4.33
C ILE A 413 -3.47 -12.35 -4.00
N GLU A 414 -3.01 -12.80 -2.84
CA GLU A 414 -1.57 -12.93 -2.56
C GLU A 414 -1.32 -14.30 -1.89
N GLY A 415 -2.33 -15.16 -1.99
CA GLY A 415 -2.35 -16.47 -1.34
C GLY A 415 -3.73 -17.07 -1.58
N ASN A 416 -3.97 -18.24 -1.01
CA ASN A 416 -5.25 -18.91 -1.26
C ASN A 416 -5.80 -19.46 0.07
N TYR A 417 -5.42 -18.82 1.18
CA TYR A 417 -5.74 -19.36 2.50
C TYR A 417 -7.03 -18.77 3.04
N THR A 418 -7.09 -17.44 3.14
CA THR A 418 -8.30 -16.82 3.75
C THR A 418 -8.43 -15.35 3.30
N LEU A 419 -9.50 -14.71 3.74
CA LEU A 419 -9.69 -13.27 3.47
C LEU A 419 -8.75 -12.37 4.28
N ARG A 420 -8.39 -11.24 3.68
CA ARG A 420 -7.66 -10.16 4.32
C ARG A 420 -8.46 -8.89 4.07
N VAL A 421 -8.79 -8.16 5.14
CA VAL A 421 -9.42 -6.81 5.01
C VAL A 421 -8.58 -5.84 5.85
N ASP A 422 -8.22 -4.69 5.25
CA ASP A 422 -7.64 -3.55 6.02
C ASP A 422 -8.59 -2.40 5.70
N CYS A 423 -9.11 -1.72 6.71
CA CYS A 423 -10.04 -0.64 6.47
C CYS A 423 -10.17 0.26 7.68
N THR A 424 -10.85 1.38 7.47
CA THR A 424 -11.26 2.23 8.57
C THR A 424 -12.20 1.47 9.51
N PRO A 425 -12.14 1.78 10.83
CA PRO A 425 -13.12 1.20 11.76
C PRO A 425 -14.58 1.46 11.32
N LEU A 426 -14.81 2.56 10.58
CA LEU A 426 -16.18 2.91 10.14
C LEU A 426 -16.79 1.80 9.24
N MET A 427 -15.94 0.97 8.63
CA MET A 427 -16.42 -0.11 7.78
C MET A 427 -16.46 -1.49 8.45
N TYR A 428 -16.04 -1.60 9.71
CA TYR A 428 -15.97 -2.94 10.34
C TYR A 428 -17.30 -3.70 10.31
N SER A 429 -18.38 -3.01 10.71
CA SER A 429 -19.71 -3.64 10.80
C SER A 429 -20.24 -3.98 9.41
N LEU A 430 -20.08 -3.06 8.45
CA LEU A 430 -20.39 -3.37 7.04
C LEU A 430 -19.69 -4.67 6.57
N VAL A 431 -18.40 -4.80 6.87
CA VAL A 431 -17.61 -5.99 6.42
C VAL A 431 -18.10 -7.28 7.14
N HIS A 432 -18.28 -7.20 8.46
CA HIS A 432 -18.84 -8.36 9.19
C HIS A 432 -20.17 -8.78 8.61
N ASN A 433 -21.07 -7.83 8.41
CA ASN A 433 -22.42 -8.15 7.89
C ASN A 433 -22.38 -8.72 6.49
N LEU A 434 -21.58 -8.12 5.63
CA LEU A 434 -21.52 -8.62 4.26
C LEU A 434 -20.94 -10.00 4.16
N THR A 435 -19.81 -10.24 4.86
CA THR A 435 -19.16 -11.57 4.81
C THR A 435 -20.02 -12.69 5.42
N LYS A 436 -20.93 -12.34 6.32
CA LYS A 436 -21.90 -13.32 6.84
C LYS A 436 -22.91 -13.77 5.78
N GLU A 437 -23.05 -12.99 4.71
CA GLU A 437 -24.06 -13.27 3.67
CA GLU A 437 -24.05 -13.26 3.67
C GLU A 437 -23.41 -13.88 2.44
N LEU A 438 -22.08 -14.00 2.43
CA LEU A 438 -21.36 -14.55 1.29
C LEU A 438 -20.94 -15.97 1.58
N LYS A 439 -20.87 -16.81 0.55
CA LYS A 439 -20.46 -18.24 0.71
C LYS A 439 -18.94 -18.38 0.82
N SER A 440 -18.45 -19.20 1.75
CA SER A 440 -17.01 -19.45 1.75
C SER A 440 -16.55 -20.25 0.54
N PRO A 441 -15.44 -19.85 -0.10
CA PRO A 441 -14.96 -20.66 -1.21
C PRO A 441 -13.95 -21.73 -0.76
N ASP A 442 -13.67 -21.80 0.55
CA ASP A 442 -12.57 -22.62 1.07
C ASP A 442 -13.00 -24.10 1.16
N GLU A 443 -12.05 -24.98 0.85
CA GLU A 443 -12.21 -26.42 1.06
C GLU A 443 -12.46 -26.69 2.54
N GLY A 444 -13.47 -27.51 2.83
CA GLY A 444 -13.85 -27.76 4.22
C GLY A 444 -14.92 -26.83 4.77
N PHE A 445 -15.25 -25.77 4.04
CA PHE A 445 -16.25 -24.81 4.54
C PHE A 445 -17.38 -24.72 3.53
N GLU A 446 -17.61 -25.81 2.79
CA GLU A 446 -18.72 -25.86 1.82
C GLU A 446 -20.02 -25.62 2.56
N GLY A 447 -20.87 -24.74 2.03
CA GLY A 447 -22.12 -24.35 2.70
C GLY A 447 -22.01 -23.42 3.92
N LYS A 448 -20.78 -23.03 4.28
CA LYS A 448 -20.56 -22.10 5.38
C LYS A 448 -20.32 -20.71 4.82
N SER A 449 -20.52 -19.71 5.68
CA SER A 449 -20.32 -18.30 5.27
C SER A 449 -18.83 -17.99 5.20
N LEU A 450 -18.48 -17.02 4.36
CA LEU A 450 -17.13 -16.43 4.34
C LEU A 450 -16.71 -15.91 5.75
N TYR A 451 -17.65 -15.29 6.46
CA TYR A 451 -17.40 -14.87 7.82
C TYR A 451 -16.90 -16.01 8.69
N GLU A 452 -17.57 -17.16 8.61
CA GLU A 452 -17.15 -18.29 9.43
C GLU A 452 -15.74 -18.81 9.09
N SER A 453 -15.44 -18.94 7.82
CA SER A 453 -14.14 -19.48 7.40
C SER A 453 -13.03 -18.50 7.72
N TRP A 454 -13.32 -17.23 7.46
CA TRP A 454 -12.38 -16.14 7.73
C TRP A 454 -12.11 -16.00 9.23
N THR A 455 -13.17 -16.02 10.04
CA THR A 455 -13.02 -15.93 11.48
C THR A 455 -12.21 -17.14 12.02
N LYS A 456 -12.51 -18.34 11.53
CA LYS A 456 -11.79 -19.54 11.97
C LYS A 456 -10.29 -19.47 11.63
N LYS A 457 -9.97 -19.07 10.41
CA LYS A 457 -8.56 -19.03 9.93
C LYS A 457 -7.73 -17.80 10.34
N SER A 458 -8.42 -16.71 10.66
CA SER A 458 -7.75 -15.46 10.98
C SER A 458 -8.49 -14.80 12.15
N PRO A 459 -8.39 -15.42 13.36
CA PRO A 459 -9.16 -14.85 14.49
C PRO A 459 -8.64 -13.46 14.87
N SER A 460 -9.55 -12.59 15.29
CA SER A 460 -9.16 -11.33 15.89
C SER A 460 -8.26 -11.58 17.11
N PRO A 461 -7.18 -10.78 17.28
CA PRO A 461 -6.40 -10.92 18.54
C PRO A 461 -7.16 -10.39 19.78
N GLU A 462 -8.12 -9.47 19.60
CA GLU A 462 -8.85 -8.90 20.75
C GLU A 462 -10.15 -9.64 21.09
N PHE A 463 -10.91 -10.12 20.11
CA PHE A 463 -12.27 -10.59 20.37
C PHE A 463 -12.58 -11.98 19.83
N SER A 464 -13.16 -12.81 20.68
CA SER A 464 -13.50 -14.19 20.31
C SER A 464 -14.67 -14.15 19.33
N GLY A 465 -14.58 -14.95 18.26
CA GLY A 465 -15.74 -15.10 17.37
C GLY A 465 -15.82 -14.01 16.33
N MET A 466 -14.77 -13.19 16.28
CA MET A 466 -14.59 -12.10 15.28
CA MET A 466 -14.61 -12.15 15.26
C MET A 466 -13.32 -12.35 14.47
N PRO A 467 -13.30 -11.88 13.20
CA PRO A 467 -12.08 -11.99 12.40
C PRO A 467 -11.13 -10.80 12.55
N ARG A 468 -9.86 -11.02 12.20
CA ARG A 468 -8.87 -9.94 12.20
C ARG A 468 -9.17 -8.95 11.06
N ILE A 469 -9.27 -7.66 11.36
CA ILE A 469 -9.29 -6.62 10.33
C ILE A 469 -8.18 -5.63 10.71
N SER A 470 -7.27 -5.36 9.79
CA SER A 470 -6.10 -4.53 10.07
C SER A 470 -6.39 -3.07 9.76
N LYS A 471 -5.58 -2.21 10.36
CA LYS A 471 -5.51 -0.77 10.02
CA LYS A 471 -5.64 -0.80 9.98
C LYS A 471 -5.04 -0.67 8.56
N LEU A 472 -5.42 0.37 7.85
CA LEU A 472 -4.79 0.64 6.54
C LEU A 472 -3.37 1.10 6.79
N GLY A 473 -2.43 0.60 5.98
CA GLY A 473 -1.08 1.16 5.93
C GLY A 473 -0.99 2.04 4.71
N SER A 474 -0.03 1.76 3.83
N SER A 474 0.02 1.80 3.88
CA SER A 474 0.07 2.50 2.59
CA SER A 474 0.17 2.48 2.60
C SER A 474 0.81 1.65 1.54
C SER A 474 1.00 1.67 1.62
N GLY A 475 1.40 2.31 0.53
CA GLY A 475 1.98 1.58 -0.60
C GLY A 475 0.87 1.16 -1.56
N ASN A 476 -0.26 1.89 -1.53
CA ASN A 476 -1.28 1.65 -2.58
C ASN A 476 -2.18 2.86 -2.73
N ASP A 477 -3.09 2.82 -3.72
CA ASP A 477 -3.76 4.03 -4.22
C ASP A 477 -4.80 4.66 -3.30
N PHE A 478 -5.12 4.00 -2.19
CA PHE A 478 -6.01 4.64 -1.22
C PHE A 478 -5.32 5.73 -0.41
N GLU A 479 -4.00 5.85 -0.49
CA GLU A 479 -3.25 6.78 0.40
C GLU A 479 -3.76 8.24 0.29
N VAL A 480 -3.95 8.73 -0.94
CA VAL A 480 -4.40 10.15 -1.06
C VAL A 480 -5.82 10.29 -0.48
N PHE A 481 -6.67 9.29 -0.74
CA PHE A 481 -8.05 9.42 -0.30
C PHE A 481 -8.18 9.34 1.21
N PHE A 482 -7.40 8.48 1.85
CA PHE A 482 -7.58 8.23 3.31
C PHE A 482 -6.70 9.19 4.14
N GLN A 483 -5.40 9.07 3.99
CA GLN A 483 -4.49 9.87 4.88
C GLN A 483 -4.34 11.35 4.45
N ARG A 484 -4.58 11.70 3.17
CA ARG A 484 -4.54 13.13 2.85
C ARG A 484 -5.93 13.73 2.98
N LEU A 485 -6.93 13.10 2.36
CA LEU A 485 -8.26 13.74 2.26
C LEU A 485 -9.26 13.28 3.34
N GLY A 486 -9.01 12.18 4.04
CA GLY A 486 -9.93 11.77 5.14
C GLY A 486 -11.24 11.19 4.63
N ILE A 487 -11.16 10.45 3.53
CA ILE A 487 -12.37 9.73 3.06
C ILE A 487 -12.27 8.27 3.56
N ALA A 488 -13.35 7.77 4.16
CA ALA A 488 -13.38 6.42 4.67
C ALA A 488 -12.92 5.43 3.61
N SER A 489 -11.93 4.58 3.92
CA SER A 489 -11.37 3.74 2.85
C SER A 489 -11.22 2.30 3.31
N GLY A 490 -11.18 1.38 2.34
CA GLY A 490 -10.98 -0.04 2.69
C GLY A 490 -10.34 -0.80 1.55
N ARG A 491 -9.79 -1.96 1.84
CA ARG A 491 -9.25 -2.87 0.80
C ARG A 491 -9.52 -4.32 1.25
N ALA A 492 -9.58 -5.25 0.31
CA ALA A 492 -9.83 -6.65 0.67
C ALA A 492 -9.21 -7.52 -0.42
N ARG A 493 -8.61 -8.63 0.00
CA ARG A 493 -8.06 -9.59 -0.99
C ARG A 493 -7.96 -10.93 -0.33
N TYR A 494 -7.75 -12.00 -1.12
CA TYR A 494 -7.37 -13.28 -0.53
C TYR A 494 -5.89 -13.31 -0.18
N THR A 495 -5.55 -13.99 0.91
CA THR A 495 -4.18 -13.90 1.39
C THR A 495 -3.65 -15.29 1.84
N LYS A 496 -2.38 -15.33 2.22
CA LYS A 496 -1.71 -16.54 2.70
C LYS A 496 -1.92 -16.70 4.21
N ASN A 497 -1.47 -17.83 4.76
CA ASN A 497 -1.45 -18.03 6.21
C ASN A 497 -0.13 -17.38 6.56
N TRP A 498 -0.15 -16.40 7.45
CA TRP A 498 1.07 -15.62 7.66
C TRP A 498 2.15 -16.30 8.55
N GLU A 499 2.00 -17.61 8.78
CA GLU A 499 2.93 -18.40 9.61
C GLU A 499 4.18 -19.00 8.87
N THR A 500 4.29 -18.83 7.55
CA THR A 500 5.57 -19.05 6.82
C THR A 500 6.36 -17.72 6.68
N ASN A 501 7.01 -17.46 5.53
CA ASN A 501 7.81 -16.21 5.29
C ASN A 501 7.04 -14.87 5.50
N LYS A 502 7.08 -14.41 6.75
CA LYS A 502 6.26 -13.29 7.23
C LYS A 502 6.81 -11.87 6.90
N PHE A 503 5.87 -10.97 6.64
CA PHE A 503 6.10 -9.58 6.14
C PHE A 503 7.11 -9.51 4.97
N SER A 504 6.98 -10.50 4.08
CA SER A 504 7.27 -10.34 2.68
C SER A 504 5.95 -10.85 2.04
N GLY A 505 5.60 -10.31 0.89
CA GLY A 505 4.36 -10.67 0.23
C GLY A 505 4.46 -12.05 -0.40
N TYR A 506 4.20 -12.12 -1.71
CA TYR A 506 4.21 -13.45 -2.37
C TYR A 506 5.55 -13.55 -3.12
N PRO A 507 6.09 -14.77 -3.33
CA PRO A 507 7.45 -14.83 -3.87
C PRO A 507 7.73 -14.15 -5.19
N LEU A 508 6.78 -14.17 -6.10
CA LEU A 508 7.05 -13.67 -7.49
C LEU A 508 6.63 -12.21 -7.70
N TYR A 509 6.32 -11.56 -6.59
CA TYR A 509 6.02 -10.08 -6.58
C TYR A 509 6.98 -9.26 -7.44
N HIS A 510 6.45 -8.55 -8.43
CA HIS A 510 7.17 -7.58 -9.27
C HIS A 510 8.30 -8.18 -10.13
N SER A 511 8.14 -9.48 -10.43
CA SER A 511 9.09 -10.24 -11.27
C SER A 511 8.39 -10.56 -12.62
N VAL A 512 9.21 -10.83 -13.64
CA VAL A 512 8.72 -11.25 -14.98
C VAL A 512 7.85 -12.53 -14.83
N TYR A 513 8.01 -13.24 -13.72
CA TYR A 513 7.32 -14.57 -13.57
C TYR A 513 5.90 -14.43 -13.10
N GLU A 514 5.51 -13.20 -12.75
CA GLU A 514 4.13 -12.95 -12.30
C GLU A 514 3.23 -12.86 -13.52
N THR A 515 2.67 -14.01 -13.92
CA THR A 515 1.98 -14.14 -15.18
C THR A 515 0.57 -14.68 -15.00
N TYR A 516 -0.23 -14.63 -16.09
CA TYR A 516 -1.49 -15.36 -16.10
C TYR A 516 -1.34 -16.84 -15.60
N GLU A 517 -0.33 -17.53 -16.09
CA GLU A 517 -0.17 -18.95 -15.72
C GLU A 517 0.12 -19.14 -14.27
N LEU A 518 0.87 -18.21 -13.67
CA LEU A 518 1.06 -18.28 -12.23
C LEU A 518 -0.25 -18.39 -11.49
N VAL A 519 -1.21 -17.54 -11.89
CA VAL A 519 -2.50 -17.49 -11.22
C VAL A 519 -3.37 -18.74 -11.53
N GLU A 520 -3.51 -19.04 -12.82
CA GLU A 520 -4.38 -20.13 -13.30
C GLU A 520 -3.85 -21.50 -12.83
N LYS A 521 -2.52 -21.66 -12.79
CA LYS A 521 -1.96 -22.95 -12.40
C LYS A 521 -1.82 -23.10 -10.89
N PHE A 522 -1.41 -22.04 -10.16
CA PHE A 522 -0.95 -22.22 -8.76
C PHE A 522 -1.79 -21.49 -7.70
N TYR A 523 -2.37 -20.34 -8.04
CA TYR A 523 -3.13 -19.61 -7.01
C TYR A 523 -4.62 -19.91 -6.99
N ASP A 524 -5.25 -19.90 -8.17
CA ASP A 524 -6.74 -19.86 -8.21
C ASP A 524 -7.29 -20.47 -9.49
N PRO A 525 -7.03 -21.79 -9.70
CA PRO A 525 -7.43 -22.37 -10.98
C PRO A 525 -8.88 -22.25 -11.31
N MET A 526 -9.76 -22.25 -10.29
CA MET A 526 -11.20 -22.14 -10.56
CA MET A 526 -11.22 -22.16 -10.47
C MET A 526 -11.70 -20.69 -10.49
N PHE A 527 -10.82 -19.77 -10.14
CA PHE A 527 -11.19 -18.35 -10.08
C PHE A 527 -12.23 -18.06 -9.03
N LYS A 528 -12.33 -18.99 -8.08
CA LYS A 528 -13.26 -18.87 -6.97
C LYS A 528 -12.79 -17.84 -5.92
N TYR A 529 -11.48 -17.74 -5.68
CA TYR A 529 -11.03 -16.71 -4.72
C TYR A 529 -11.22 -15.35 -5.35
N HIS A 530 -10.92 -15.23 -6.65
CA HIS A 530 -11.24 -13.98 -7.40
C HIS A 530 -12.72 -13.61 -7.30
N LEU A 531 -13.60 -14.60 -7.54
CA LEU A 531 -15.01 -14.32 -7.43
C LEU A 531 -15.40 -13.85 -6.02
N THR A 532 -14.85 -14.49 -4.98
CA THR A 532 -15.17 -14.10 -3.58
C THR A 532 -14.71 -12.66 -3.32
N VAL A 533 -13.52 -12.35 -3.81
CA VAL A 533 -12.99 -10.98 -3.66
C VAL A 533 -13.86 -9.98 -4.45
N ALA A 534 -14.31 -10.33 -5.66
CA ALA A 534 -15.30 -9.47 -6.37
C ALA A 534 -16.59 -9.26 -5.58
N GLN A 535 -17.08 -10.33 -4.96
CA GLN A 535 -18.25 -10.19 -4.08
C GLN A 535 -18.01 -9.26 -2.85
N VAL A 536 -16.83 -9.36 -2.23
CA VAL A 536 -16.54 -8.51 -1.09
C VAL A 536 -16.39 -7.05 -1.56
N ARG A 537 -15.52 -6.81 -2.56
CA ARG A 537 -15.29 -5.40 -2.97
C ARG A 537 -16.60 -4.83 -3.55
N GLY A 538 -17.21 -5.60 -4.45
CA GLY A 538 -18.45 -5.15 -5.11
C GLY A 538 -19.61 -4.95 -4.14
N GLY A 539 -19.76 -5.88 -3.20
CA GLY A 539 -20.76 -5.82 -2.16
C GLY A 539 -20.60 -4.61 -1.29
N MET A 540 -19.35 -4.29 -0.93
CA MET A 540 -19.08 -3.08 -0.12
C MET A 540 -19.54 -1.85 -0.89
N VAL A 541 -19.11 -1.75 -2.16
CA VAL A 541 -19.50 -0.63 -3.01
C VAL A 541 -21.01 -0.54 -3.12
N PHE A 542 -21.69 -1.69 -3.36
CA PHE A 542 -23.12 -1.71 -3.47
C PHE A 542 -23.77 -1.13 -2.22
N GLU A 543 -23.40 -1.61 -1.04
CA GLU A 543 -24.02 -1.12 0.21
C GLU A 543 -23.72 0.37 0.44
N LEU A 544 -22.46 0.75 0.22
CA LEU A 544 -22.08 2.15 0.41
C LEU A 544 -22.89 3.07 -0.50
N ALA A 545 -23.11 2.61 -1.75
CA ALA A 545 -23.80 3.44 -2.73
C ALA A 545 -25.30 3.37 -2.64
N ASN A 546 -25.83 2.34 -1.95
CA ASN A 546 -27.27 2.10 -2.00
C ASN A 546 -28.05 2.12 -0.70
N SER A 547 -27.37 1.85 0.44
CA SER A 547 -28.07 1.87 1.76
C SER A 547 -28.61 3.26 2.03
N ILE A 548 -29.84 3.29 2.55
CA ILE A 548 -30.45 4.59 2.81
C ILE A 548 -29.63 5.40 3.83
N VAL A 549 -29.28 4.73 4.94
CA VAL A 549 -28.37 5.29 5.96
C VAL A 549 -26.98 4.72 5.60
N LEU A 550 -25.97 5.60 5.52
CA LEU A 550 -24.58 5.13 5.24
C LEU A 550 -24.20 4.01 6.21
N PRO A 551 -23.55 2.94 5.69
CA PRO A 551 -23.30 1.76 6.52
C PRO A 551 -21.98 1.89 7.31
N PHE A 552 -21.89 2.96 8.10
CA PHE A 552 -20.76 3.23 8.98
C PHE A 552 -21.25 3.18 10.41
N ASP A 553 -20.47 2.55 11.27
CA ASP A 553 -20.81 2.54 12.70
C ASP A 553 -19.78 3.32 13.49
N CYS A 554 -20.12 4.54 13.89
CA CYS A 554 -19.15 5.37 14.60
C CYS A 554 -18.69 4.76 15.91
N ARG A 555 -19.49 3.89 16.52
CA ARG A 555 -19.08 3.25 17.78
C ARG A 555 -17.80 2.37 17.62
N ASP A 556 -17.60 1.83 16.41
CA ASP A 556 -16.43 1.01 16.18
C ASP A 556 -15.15 1.90 16.21
N TYR A 557 -15.29 3.15 15.80
CA TYR A 557 -14.12 4.09 15.92
C TYR A 557 -13.85 4.31 17.42
N ALA A 558 -14.92 4.42 18.24
CA ALA A 558 -14.67 4.67 19.67
C ALA A 558 -13.85 3.54 20.34
N VAL A 559 -14.19 2.31 20.01
CA VAL A 559 -13.52 1.16 20.56
C VAL A 559 -12.02 1.18 20.13
N VAL A 560 -11.74 1.44 18.86
CA VAL A 560 -10.30 1.40 18.49
C VAL A 560 -9.52 2.56 19.04
N LEU A 561 -10.17 3.72 19.15
CA LEU A 561 -9.46 4.92 19.70
C LEU A 561 -8.95 4.62 21.10
N ARG A 562 -9.75 3.89 21.90
CA ARG A 562 -9.33 3.51 23.24
C ARG A 562 -8.14 2.56 23.22
N LYS A 563 -8.21 1.55 22.36
CA LYS A 563 -7.10 0.64 22.15
C LYS A 563 -5.82 1.42 21.77
N TYR A 564 -5.93 2.34 20.80
CA TYR A 564 -4.73 3.10 20.38
C TYR A 564 -4.23 4.00 21.50
N ALA A 565 -5.14 4.61 22.26
CA ALA A 565 -4.72 5.47 23.36
C ALA A 565 -3.99 4.63 24.45
N ASP A 566 -4.56 3.47 24.81
CA ASP A 566 -3.82 2.54 25.71
C ASP A 566 -2.41 2.19 25.18
N LYS A 567 -2.31 1.92 23.89
N LYS A 567 -2.29 1.93 23.88
CA LYS A 567 -1.04 1.53 23.28
CA LYS A 567 -1.02 1.50 23.30
C LYS A 567 -0.01 2.64 23.42
C LYS A 567 0.04 2.62 23.28
N ILE A 568 -0.40 3.85 23.01
CA ILE A 568 0.55 4.98 23.00
C ILE A 568 0.93 5.36 24.44
N TYR A 569 -0.06 5.34 25.35
CA TYR A 569 0.26 5.53 26.77
C TYR A 569 1.30 4.51 27.26
N SER A 570 1.13 3.22 26.87
CA SER A 570 2.06 2.17 27.29
CA SER A 570 2.04 2.15 27.27
C SER A 570 3.47 2.40 26.79
N ILE A 571 3.60 2.96 25.56
CA ILE A 571 4.92 3.29 25.03
C ILE A 571 5.57 4.36 25.91
N SER A 572 4.80 5.39 26.23
CA SER A 572 5.34 6.52 26.99
C SER A 572 5.74 6.09 28.40
N MET A 573 4.94 5.17 28.95
CA MET A 573 5.16 4.69 30.35
C MET A 573 6.41 3.84 30.56
N LYS A 574 7.09 3.47 29.48
CA LYS A 574 8.48 2.98 29.56
C LYS A 574 9.48 4.05 30.10
N HIS A 575 9.05 5.31 30.20
CA HIS A 575 9.91 6.43 30.63
C HIS A 575 9.27 7.17 31.82
N PRO A 576 9.03 6.42 32.95
CA PRO A 576 8.27 7.05 34.04
C PRO A 576 8.98 8.26 34.63
N GLN A 577 10.31 8.24 34.71
N GLN A 577 10.30 8.24 34.70
CA GLN A 577 11.03 9.36 35.33
CA GLN A 577 11.07 9.33 35.31
C GLN A 577 10.78 10.64 34.50
C GLN A 577 11.12 10.63 34.49
N GLU A 578 10.91 10.52 33.16
CA GLU A 578 10.72 11.71 32.31
C GLU A 578 9.27 12.19 32.31
N MET A 579 8.31 11.26 32.44
CA MET A 579 6.91 11.69 32.48
C MET A 579 6.68 12.51 33.76
N LYS A 580 7.39 12.15 34.84
CA LYS A 580 7.25 12.92 36.11
C LYS A 580 7.93 14.29 35.95
N THR A 581 9.17 14.27 35.44
CA THR A 581 9.98 15.49 35.32
C THR A 581 9.32 16.51 34.44
N TYR A 582 8.80 16.05 33.31
CA TYR A 582 8.19 16.97 32.35
C TYR A 582 6.68 17.08 32.41
N SER A 583 6.05 16.46 33.41
CA SER A 583 4.60 16.55 33.63
CA SER A 583 4.61 16.61 33.61
C SER A 583 3.85 16.11 32.37
N VAL A 584 4.24 14.94 31.86
CA VAL A 584 3.63 14.41 30.62
C VAL A 584 2.37 13.64 31.01
N SER A 585 1.20 14.19 30.73
CA SER A 585 -0.05 13.48 31.00
CA SER A 585 -0.03 13.44 30.99
C SER A 585 -0.83 13.11 29.74
N PHE A 586 -1.39 11.90 29.73
CA PHE A 586 -2.32 11.43 28.70
C PHE A 586 -3.78 11.71 29.07
N ASP A 587 -4.01 12.43 30.18
CA ASP A 587 -5.41 12.63 30.64
C ASP A 587 -6.33 13.23 29.60
N SER A 588 -5.83 14.24 28.89
CA SER A 588 -6.66 14.89 27.88
C SER A 588 -7.04 13.92 26.76
N LEU A 589 -6.13 13.06 26.34
CA LEU A 589 -6.45 12.12 25.27
C LEU A 589 -7.51 11.07 25.72
N PHE A 590 -7.34 10.53 26.91
CA PHE A 590 -8.35 9.62 27.44
C PHE A 590 -9.71 10.27 27.61
N SER A 591 -9.72 11.52 28.09
CA SER A 591 -10.96 12.28 28.22
CA SER A 591 -10.98 12.25 28.23
C SER A 591 -11.65 12.44 26.86
N ALA A 592 -10.85 12.80 25.85
CA ALA A 592 -11.43 12.98 24.52
C ALA A 592 -12.03 11.66 24.01
N VAL A 593 -11.31 10.56 24.27
CA VAL A 593 -11.76 9.22 23.78
C VAL A 593 -13.04 8.82 24.52
N LYS A 594 -13.07 9.10 25.83
CA LYS A 594 -14.30 8.88 26.65
C LYS A 594 -15.47 9.67 26.09
N ASN A 595 -15.25 10.95 25.77
CA ASN A 595 -16.28 11.78 25.20
C ASN A 595 -16.75 11.28 23.85
N PHE A 596 -15.81 10.88 22.97
CA PHE A 596 -16.13 10.34 21.69
C PHE A 596 -17.05 9.10 21.88
N THR A 597 -16.70 8.27 22.85
CA THR A 597 -17.47 7.00 23.11
C THR A 597 -18.91 7.37 23.51
N GLU A 598 -19.04 8.36 24.40
CA GLU A 598 -20.38 8.78 24.87
C GLU A 598 -21.20 9.45 23.76
N ILE A 599 -20.60 10.36 23.00
CA ILE A 599 -21.30 11.06 21.96
C ILE A 599 -21.66 10.11 20.83
N ALA A 600 -20.75 9.19 20.51
CA ALA A 600 -20.98 8.21 19.43
C ALA A 600 -22.18 7.32 19.84
N SER A 601 -22.23 6.93 21.12
CA SER A 601 -23.37 6.09 21.59
C SER A 601 -24.69 6.86 21.42
N LYS A 602 -24.71 8.12 21.82
CA LYS A 602 -25.92 8.94 21.66
C LYS A 602 -26.30 9.17 20.20
N PHE A 603 -25.29 9.41 19.34
CA PHE A 603 -25.58 9.59 17.93
C PHE A 603 -26.22 8.33 17.35
N SER A 604 -25.70 7.19 17.74
CA SER A 604 -26.23 5.91 17.26
C SER A 604 -27.71 5.69 17.64
N GLU A 605 -28.07 6.04 18.87
CA GLU A 605 -29.49 6.02 19.30
C GLU A 605 -30.36 6.92 18.40
N ARG A 606 -29.92 8.16 18.13
CA ARG A 606 -30.70 9.04 17.23
C ARG A 606 -30.79 8.47 15.84
N LEU A 607 -29.72 7.80 15.38
CA LEU A 607 -29.71 7.24 14.03
C LEU A 607 -30.74 6.10 13.93
N GLN A 608 -30.96 5.41 15.04
CA GLN A 608 -32.00 4.38 15.08
C GLN A 608 -33.41 4.96 15.22
N ASP A 609 -33.52 6.04 16.01
CA ASP A 609 -34.78 6.66 16.47
C ASP A 609 -35.42 7.72 15.58
N PHE A 610 -34.78 8.18 14.51
CA PHE A 610 -35.42 9.15 13.58
C PHE A 610 -36.25 8.38 12.52
N SER A 613 -39.28 9.19 8.30
N SER A 613 -37.86 8.88 5.62
CA SER A 613 -39.69 9.78 7.05
CA SER A 613 -38.57 9.47 4.46
C SER A 613 -39.03 11.17 6.72
C SER A 613 -38.60 11.02 4.48
N ASN A 614 -38.05 11.64 7.49
N ASN A 614 -37.93 11.62 5.46
CA ASN A 614 -37.49 13.00 7.28
CA ASN A 614 -37.72 13.09 5.43
C ASN A 614 -36.15 12.95 6.53
C ASN A 614 -36.39 13.39 4.73
N PRO A 615 -36.14 13.36 5.25
N PRO A 615 -36.41 13.74 3.42
CA PRO A 615 -34.92 13.18 4.45
CA PRO A 615 -35.12 13.80 2.71
C PRO A 615 -33.81 14.17 4.81
C PRO A 615 -34.08 14.72 3.36
N ILE A 616 -34.18 15.31 5.41
N ILE A 616 -34.47 15.87 3.89
CA ILE A 616 -33.18 16.30 5.85
CA ILE A 616 -33.46 16.79 4.41
C ILE A 616 -32.46 15.78 7.10
C ILE A 616 -32.91 16.35 5.76
N VAL A 617 -33.20 15.26 8.07
N VAL A 617 -33.75 15.74 6.58
CA VAL A 617 -32.59 14.64 9.26
CA VAL A 617 -33.27 15.15 7.83
C VAL A 617 -31.71 13.48 8.82
C VAL A 617 -32.35 13.96 7.54
N LEU A 618 -32.23 12.68 7.88
N LEU A 618 -32.71 13.13 6.57
CA LEU A 618 -31.47 11.56 7.33
CA LEU A 618 -31.82 12.02 6.24
C LEU A 618 -30.15 12.01 6.71
C LEU A 618 -30.48 12.57 5.72
N ARG A 619 -30.25 12.99 5.80
N ARG A 619 -30.52 13.67 5.01
CA ARG A 619 -29.10 13.43 5.03
CA ARG A 619 -29.25 14.22 4.51
C ARG A 619 -28.20 14.23 5.94
C ARG A 619 -28.27 14.64 5.64
N MET A 620 -28.80 15.10 6.77
CA MET A 620 -28.01 15.65 7.92
C MET A 620 -27.23 14.55 8.64
N MET A 621 -27.89 13.42 9.02
N MET A 621 -27.95 13.46 8.93
CA MET A 621 -27.13 12.40 9.73
CA MET A 621 -27.42 12.28 9.60
C MET A 621 -26.17 11.63 8.78
C MET A 621 -26.29 11.60 8.80
N ASN A 622 -26.55 11.48 7.49
CA ASN A 622 -25.60 10.83 6.53
C ASN A 622 -24.39 11.76 6.37
N ASP A 623 -24.61 13.07 6.35
CA ASP A 623 -23.47 14.01 6.32
C ASP A 623 -22.59 13.86 7.57
N GLN A 624 -23.20 13.69 8.75
CA GLN A 624 -22.38 13.52 9.97
C GLN A 624 -21.57 12.23 9.84
N LEU A 625 -22.18 11.17 9.29
CA LEU A 625 -21.41 9.94 9.06
C LEU A 625 -20.28 10.08 8.05
N MET A 626 -20.60 10.78 6.96
CA MET A 626 -19.61 10.95 5.87
C MET A 626 -18.44 11.84 6.35
N PHE A 627 -18.79 12.88 7.09
CA PHE A 627 -17.74 13.82 7.55
C PHE A 627 -16.99 13.35 8.79
N LEU A 628 -17.36 12.19 9.35
CA LEU A 628 -16.65 11.72 10.55
C LEU A 628 -15.18 11.35 10.25
N GLU A 629 -14.94 10.57 9.21
CA GLU A 629 -13.54 10.27 8.84
C GLU A 629 -12.83 11.62 8.54
N ARG A 630 -13.57 12.51 7.91
CA ARG A 630 -13.03 13.84 7.50
C ARG A 630 -12.54 14.62 8.72
N ALA A 631 -13.22 14.44 9.86
CA ALA A 631 -12.88 15.22 11.04
C ALA A 631 -11.53 14.83 11.62
N PHE A 632 -10.98 13.67 11.26
CA PHE A 632 -9.64 13.34 11.79
C PHE A 632 -8.49 14.00 11.04
N ILE A 633 -8.81 14.73 9.98
CA ILE A 633 -7.76 15.48 9.19
C ILE A 633 -7.37 16.75 9.96
N ASP A 634 -6.06 17.00 9.99
CA ASP A 634 -5.50 18.26 10.51
C ASP A 634 -4.93 18.95 9.30
N PRO A 635 -5.42 20.17 8.97
CA PRO A 635 -4.97 20.82 7.75
C PRO A 635 -3.49 21.21 7.83
N LEU A 636 -2.88 21.20 9.02
CA LEU A 636 -1.43 21.49 9.10
C LEU A 636 -0.57 20.24 8.87
N GLY A 637 -1.19 19.05 8.74
CA GLY A 637 -0.44 17.82 8.47
C GLY A 637 0.36 17.37 9.69
N LEU A 638 1.08 16.24 9.56
CA LEU A 638 1.98 15.78 10.59
C LEU A 638 3.36 16.38 10.38
N PRO A 639 4.21 16.41 11.43
CA PRO A 639 5.51 17.11 11.30
C PRO A 639 6.35 16.68 10.09
N ASP A 640 6.68 17.66 9.22
CA ASP A 640 7.50 17.45 8.01
C ASP A 640 6.88 16.48 7.03
N ARG A 641 5.61 16.12 7.26
CA ARG A 641 4.87 15.27 6.26
C ARG A 641 3.49 15.91 6.02
N PRO A 642 3.47 17.00 5.25
CA PRO A 642 2.25 17.80 5.08
C PRO A 642 1.11 17.07 4.39
N PHE A 643 1.39 16.01 3.65
CA PHE A 643 0.33 15.22 2.98
C PHE A 643 -0.20 14.05 3.77
N TYR A 644 0.36 13.84 4.95
CA TYR A 644 -0.26 12.88 5.88
C TYR A 644 -0.96 13.71 6.92
N ARG A 645 -2.28 13.85 6.76
N ARG A 645 -2.27 13.87 6.72
CA ARG A 645 -3.01 14.83 7.56
CA ARG A 645 -3.04 14.83 7.50
C ARG A 645 -3.92 14.15 8.59
C ARG A 645 -3.98 14.17 8.52
N HIS A 646 -4.12 12.83 8.44
CA HIS A 646 -5.06 12.11 9.33
C HIS A 646 -4.30 11.94 10.67
N VAL A 647 -4.94 12.33 11.79
CA VAL A 647 -4.23 12.35 13.08
C VAL A 647 -4.25 10.93 13.72
N ILE A 648 -5.21 10.10 13.30
CA ILE A 648 -5.25 8.77 13.91
C ILE A 648 -4.33 7.77 13.18
N TYR A 649 -4.28 7.85 11.83
CA TYR A 649 -3.53 6.90 11.04
C TYR A 649 -2.54 7.56 10.08
N ALA A 650 -1.27 7.13 10.08
CA ALA A 650 -0.36 7.49 9.01
C ALA A 650 0.45 6.24 8.68
N PRO A 651 1.07 6.21 7.49
CA PRO A 651 2.04 5.17 7.20
C PRO A 651 3.20 5.30 8.20
N SER A 652 3.71 4.18 8.71
CA SER A 652 4.87 4.18 9.60
C SER A 652 6.03 4.93 8.99
N SER A 653 6.63 5.84 9.77
CA SER A 653 7.81 6.59 9.26
C SER A 653 9.00 5.62 9.03
N HIS A 654 8.86 4.38 9.47
CA HIS A 654 9.94 3.34 9.31
C HIS A 654 9.58 2.30 8.28
N ASN A 655 8.34 2.34 7.78
CA ASN A 655 7.91 1.30 6.83
C ASN A 655 6.58 1.78 6.24
N LYS A 656 6.63 2.31 5.03
CA LYS A 656 5.41 2.86 4.36
C LYS A 656 4.27 1.84 4.28
N TYR A 657 4.59 0.55 4.20
CA TYR A 657 3.48 -0.45 4.12
C TYR A 657 2.66 -0.55 5.37
N ALA A 658 3.26 -0.28 6.54
CA ALA A 658 2.56 -0.55 7.81
C ALA A 658 1.77 0.70 8.24
N GLY A 659 0.60 0.51 8.85
CA GLY A 659 -0.02 1.71 9.44
C GLY A 659 0.46 1.91 10.88
N GLU A 660 0.51 3.18 11.31
CA GLU A 660 0.83 3.51 12.71
C GLU A 660 -0.35 4.28 13.26
N SER A 661 -0.77 4.00 14.51
CA SER A 661 -1.81 4.79 15.09
C SER A 661 -1.24 5.89 15.98
N PHE A 662 -2.01 6.97 16.16
CA PHE A 662 -1.52 8.27 16.76
C PHE A 662 -0.07 8.53 16.33
N PRO A 663 0.18 8.59 15.01
CA PRO A 663 1.53 8.66 14.49
C PRO A 663 2.31 9.88 14.99
N GLY A 664 1.60 10.99 15.27
CA GLY A 664 2.31 12.21 15.73
C GLY A 664 2.96 11.92 17.09
N ILE A 665 2.19 11.35 18.00
CA ILE A 665 2.76 10.99 19.33
C ILE A 665 3.79 9.85 19.20
N TYR A 666 3.48 8.84 18.35
CA TYR A 666 4.40 7.72 18.20
C TYR A 666 5.79 8.20 17.78
N ASP A 667 5.84 9.05 16.75
CA ASP A 667 7.13 9.54 16.23
C ASP A 667 7.80 10.45 17.25
N ALA A 668 7.04 11.22 18.01
CA ALA A 668 7.65 12.05 19.06
C ALA A 668 8.33 11.19 20.15
N LEU A 669 7.75 10.04 20.44
CA LEU A 669 8.29 9.11 21.47
C LEU A 669 9.39 8.17 20.96
N PHE A 670 9.47 7.99 19.66
CA PHE A 670 10.38 7.00 19.09
C PHE A 670 11.85 7.34 19.36
N ASP A 671 12.56 6.38 19.97
CA ASP A 671 14.01 6.52 20.28
C ASP A 671 14.25 7.79 21.13
N ILE A 672 13.28 8.20 21.97
CA ILE A 672 13.37 9.49 22.63
C ILE A 672 14.55 9.52 23.63
N GLU A 673 14.91 8.35 24.16
CA GLU A 673 16.02 8.24 25.11
C GLU A 673 17.37 8.59 24.51
N SER A 674 17.45 8.65 23.17
CA SER A 674 18.68 9.03 22.49
C SER A 674 18.71 10.52 22.13
N LYS A 675 17.63 11.29 22.37
CA LYS A 675 17.65 12.72 22.03
C LYS A 675 18.53 13.51 22.99
N VAL A 676 19.19 14.52 22.43
CA VAL A 676 20.23 15.26 23.17
C VAL A 676 19.60 16.26 24.16
N ASP A 677 18.42 16.76 23.80
CA ASP A 677 17.69 17.74 24.58
C ASP A 677 16.33 17.13 25.01
N PRO A 678 16.30 16.40 26.15
CA PRO A 678 15.07 15.73 26.57
C PRO A 678 13.92 16.68 26.88
N SER A 679 14.23 17.89 27.39
CA SER A 679 13.14 18.83 27.64
C SER A 679 12.42 19.22 26.35
N LYS A 680 13.19 19.50 25.30
CA LYS A 680 12.61 19.76 23.99
C LYS A 680 11.84 18.53 23.43
N ALA A 681 12.42 17.35 23.56
CA ALA A 681 11.79 16.14 23.02
C ALA A 681 10.48 15.81 23.77
N TRP A 682 10.49 15.88 25.10
CA TRP A 682 9.25 15.64 25.84
C TRP A 682 8.19 16.73 25.65
N GLY A 683 8.66 17.98 25.45
CA GLY A 683 7.78 19.09 25.07
C GLY A 683 6.98 18.73 23.81
N GLU A 684 7.69 18.13 22.85
CA GLU A 684 7.07 17.80 21.55
C GLU A 684 6.10 16.60 21.75
N VAL A 685 6.46 15.66 22.65
CA VAL A 685 5.48 14.60 23.01
C VAL A 685 4.18 15.25 23.52
N LYS A 686 4.32 16.21 24.45
CA LYS A 686 3.13 16.86 25.04
C LYS A 686 2.35 17.63 23.95
N ARG A 687 3.07 18.33 23.07
CA ARG A 687 2.41 18.98 21.95
C ARG A 687 1.55 18.01 21.10
N GLN A 688 2.10 16.83 20.81
CA GLN A 688 1.36 15.86 20.01
C GLN A 688 0.18 15.26 20.78
N ILE A 689 0.32 15.10 22.10
CA ILE A 689 -0.81 14.67 22.92
C ILE A 689 -1.97 15.67 22.79
N TYR A 690 -1.68 16.96 22.93
CA TYR A 690 -2.68 18.01 22.78
C TYR A 690 -3.32 17.98 21.41
N VAL A 691 -2.50 17.87 20.36
CA VAL A 691 -3.09 17.80 19.00
C VAL A 691 -4.05 16.60 18.83
N ALA A 692 -3.62 15.46 19.33
CA ALA A 692 -4.44 14.24 19.22
C ALA A 692 -5.69 14.34 20.07
N ALA A 693 -5.58 14.83 21.32
CA ALA A 693 -6.79 14.94 22.18
C ALA A 693 -7.77 15.93 21.55
N PHE A 694 -7.23 17.07 21.10
CA PHE A 694 -8.08 18.07 20.47
C PHE A 694 -8.79 17.48 19.25
N THR A 695 -8.06 16.75 18.41
CA THR A 695 -8.68 16.25 17.15
C THR A 695 -9.75 15.21 17.47
N VAL A 696 -9.47 14.34 18.47
CA VAL A 696 -10.49 13.34 18.87
C VAL A 696 -11.75 14.02 19.37
N GLN A 697 -11.57 15.02 20.25
CA GLN A 697 -12.75 15.76 20.75
C GLN A 697 -13.49 16.48 19.61
N ALA A 698 -12.73 17.12 18.70
CA ALA A 698 -13.39 17.83 17.59
C ALA A 698 -14.17 16.87 16.72
N ALA A 699 -13.60 15.68 16.48
CA ALA A 699 -14.33 14.64 15.70
C ALA A 699 -15.60 14.21 16.42
N ALA A 700 -15.48 13.93 17.72
CA ALA A 700 -16.67 13.57 18.56
C ALA A 700 -17.78 14.62 18.40
N GLU A 701 -17.38 15.91 18.48
CA GLU A 701 -18.36 17.00 18.43
C GLU A 701 -19.06 17.15 17.09
N THR A 702 -18.50 16.58 16.01
CA THR A 702 -19.26 16.54 14.75
C THR A 702 -20.47 15.60 14.80
N LEU A 703 -20.50 14.75 15.84
CA LEU A 703 -21.59 13.77 16.05
C LEU A 703 -22.60 14.28 17.05
N SER A 704 -22.33 15.41 17.69
CA SER A 704 -23.30 16.03 18.63
C SER A 704 -24.49 16.53 17.84
N GLU A 705 -25.62 16.76 18.52
CA GLU A 705 -26.72 17.50 17.87
C GLU A 705 -26.19 18.80 17.27
N VAL A 706 -26.67 19.12 16.07
CA VAL A 706 -25.97 20.16 15.27
C VAL A 706 -26.30 21.58 15.74
N ALA A 707 -27.37 21.69 16.54
CA ALA A 707 -27.84 23.02 17.02
C ALA A 707 -28.83 22.79 18.12
#